data_6AYK
#
_entry.id   6AYK
#
_cell.length_a   60.645
_cell.length_b   84.751
_cell.length_c   95.971
_cell.angle_alpha   90.000
_cell.angle_beta   90.230
_cell.angle_gamma   90.000
#
_symmetry.space_group_name_H-M   'P 1 21 1'
#
loop_
_entity.id
_entity.type
_entity.pdbx_description
1 polymer 'Beta-lactamase TEM'
2 non-polymer XENON
3 water water
#
_entity_poly.entity_id   1
_entity_poly.type   'polypeptide(L)'
_entity_poly.pdbx_seq_one_letter_code
;HPETLVKVKDAEDQLGARVGYIELDLNSGKILESFRPEERFPMMSTFKVLLCGAVLSRVDAGQEQLGRRIHYSQNDLVEY
SPVTEKHLTDGMTVRELCSAAITMSDNTAANLLLTTIGGPKELTAFLHNMGDHVTRLDRWEPELNEAIPNDERDTTTPAA
MATTLRKLLTGELLTLASRQQLIDWMEADKVAGPLLRSALPAGWFIADKSGAGERGSRGIIAALGPDGKPSRIVVAYTTG
SQATMDERNRQIAEIGASLIKHW
;
_entity_poly.pdbx_strand_id   A,B,C,D
#
loop_
_chem_comp.id
_chem_comp.type
_chem_comp.name
_chem_comp.formula
XE non-polymer XENON Xe
#
# COMPACT_ATOMS: atom_id res chain seq x y z
N HIS A 1 15.06 24.45 4.31
CA HIS A 1 16.47 24.41 3.99
C HIS A 1 16.94 22.96 4.03
N PRO A 2 17.82 22.58 3.09
CA PRO A 2 18.31 21.19 3.04
C PRO A 2 18.80 20.64 4.37
N GLU A 3 19.53 21.44 5.13
CA GLU A 3 20.03 21.00 6.43
C GLU A 3 18.91 20.62 7.40
N THR A 4 17.76 21.28 7.28
CA THR A 4 16.61 20.91 8.10
C THR A 4 16.05 19.57 7.67
N LEU A 5 16.00 19.34 6.36
CA LEU A 5 15.56 18.06 5.83
C LEU A 5 16.48 16.90 6.28
N VAL A 6 17.77 17.21 6.40
CA VAL A 6 18.73 16.22 6.90
C VAL A 6 18.41 15.87 8.36
N LYS A 7 18.10 16.88 9.17
CA LYS A 7 17.69 16.65 10.57
C LYS A 7 16.45 15.78 10.65
N VAL A 8 15.52 15.99 9.71
CA VAL A 8 14.31 15.18 9.68
C VAL A 8 14.66 13.74 9.34
N LYS A 9 15.53 13.56 8.35
CA LYS A 9 15.97 12.23 7.95
C LYS A 9 16.71 11.55 9.10
N ASP A 10 17.57 12.30 9.77
CA ASP A 10 18.28 11.79 10.94
C ASP A 10 17.30 11.38 12.04
N ALA A 11 16.24 12.17 12.23
CA ALA A 11 15.23 11.84 13.24
C ALA A 11 14.53 10.52 12.89
N GLU A 12 14.22 10.32 11.61
CA GLU A 12 13.65 9.06 11.15
C GLU A 12 14.53 7.86 11.51
N ASP A 13 15.82 7.99 11.22
CA ASP A 13 16.77 6.93 11.49
C ASP A 13 16.90 6.68 12.99
N GLN A 14 17.01 7.75 13.76
CA GLN A 14 17.26 7.63 15.19
C GLN A 14 16.02 7.20 15.97
N LEU A 15 14.85 7.60 15.51
CA LEU A 15 13.59 7.17 16.12
C LEU A 15 13.13 5.82 15.61
N GLY A 16 13.62 5.41 14.43
CA GLY A 16 13.15 4.20 13.80
C GLY A 16 11.69 4.32 13.43
N ALA A 17 11.30 5.46 12.88
CA ALA A 17 9.90 5.73 12.55
C ALA A 17 9.76 6.85 11.52
N ARG A 18 8.61 6.89 10.86
CA ARG A 18 8.32 7.95 9.89
C ARG A 18 8.21 9.31 10.57
N VAL A 19 8.70 10.33 9.88
CA VAL A 19 8.51 11.71 10.29
C VAL A 19 7.95 12.48 9.09
N GLY A 20 6.91 13.25 9.32
CA GLY A 20 6.35 14.12 8.28
C GLY A 20 6.59 15.57 8.66
N TYR A 21 6.91 16.40 7.67
CA TYR A 21 7.34 17.77 7.95
C TYR A 21 6.95 18.71 6.83
N ILE A 22 6.45 19.89 7.19
CA ILE A 22 6.17 20.95 6.22
C ILE A 22 6.56 22.31 6.80
N GLU A 23 7.18 23.15 5.97
CA GLU A 23 7.36 24.56 6.25
C GLU A 23 6.55 25.33 5.23
N LEU A 24 5.72 26.25 5.70
CA LEU A 24 4.81 26.96 4.81
C LEU A 24 4.89 28.45 5.08
N ASP A 25 5.15 29.25 4.04
CA ASP A 25 5.18 30.70 4.20
C ASP A 25 3.79 31.23 4.51
N LEU A 26 3.66 31.98 5.60
CA LEU A 26 2.36 32.38 6.09
C LEU A 26 1.64 33.31 5.14
N ASN A 27 2.36 34.30 4.62
CA ASN A 27 1.76 35.29 3.73
C ASN A 27 1.46 34.74 2.34
N SER A 28 2.46 34.14 1.70
CA SER A 28 2.33 33.68 0.33
C SER A 28 1.71 32.29 0.20
N GLY A 29 1.81 31.50 1.27
CA GLY A 29 1.29 30.13 1.23
C GLY A 29 2.19 29.18 0.46
N LYS A 30 3.37 29.64 0.07
CA LYS A 30 4.31 28.79 -0.66
C LYS A 30 4.90 27.74 0.28
N ILE A 31 5.02 26.51 -0.20
CA ILE A 31 5.67 25.46 0.58
C ILE A 31 7.18 25.59 0.47
N LEU A 32 7.85 25.79 1.61
CA LEU A 32 9.27 26.07 1.65
C LEU A 32 10.10 24.79 1.83
N GLU A 33 9.54 23.83 2.56
CA GLU A 33 10.18 22.55 2.73
C GLU A 33 9.09 21.52 3.01
N SER A 34 9.31 20.29 2.57
CA SER A 34 8.36 19.22 2.87
C SER A 34 9.05 17.87 2.93
N PHE A 35 8.42 16.97 3.68
CA PHE A 35 8.92 15.61 3.79
C PHE A 35 7.73 14.73 4.15
N ARG A 36 7.53 13.67 3.37
CA ARG A 36 6.32 12.87 3.40
C ARG A 36 5.06 13.73 3.54
N PRO A 37 4.90 14.74 2.64
CA PRO A 37 3.78 15.67 2.80
C PRO A 37 2.41 15.04 2.58
N GLU A 38 2.34 13.93 1.85
CA GLU A 38 1.07 13.29 1.55
C GLU A 38 0.83 12.01 2.34
N GLU A 39 1.62 11.82 3.41
CA GLU A 39 1.44 10.65 4.25
C GLU A 39 0.62 10.97 5.50
N ARG A 40 -0.13 9.99 5.98
CA ARG A 40 -0.98 10.19 7.14
C ARG A 40 -0.29 9.92 8.47
N PHE A 41 -0.61 10.76 9.45
CA PHE A 41 -0.10 10.65 10.81
C PHE A 41 -1.26 10.98 11.74
N PRO A 42 -1.33 10.31 12.90
CA PRO A 42 -2.38 10.67 13.86
C PRO A 42 -2.21 12.12 14.35
N MET A 43 -3.31 12.85 14.44
CA MET A 43 -3.27 14.25 14.84
C MET A 43 -3.00 14.41 16.32
N MET A 44 -3.52 13.48 17.11
CA MET A 44 -3.49 13.60 18.57
C MET A 44 -4.08 14.94 18.97
N SER A 45 -3.55 15.57 20.00
CA SER A 45 -4.10 16.83 20.49
C SER A 45 -4.00 18.03 19.52
N THR A 46 -3.26 17.86 18.42
CA THR A 46 -3.20 18.95 17.45
C THR A 46 -4.58 19.21 16.82
N PHE A 47 -5.48 18.24 16.91
CA PHE A 47 -6.82 18.44 16.35
C PHE A 47 -7.59 19.51 17.13
N LYS A 48 -7.18 19.74 18.38
CA LYS A 48 -7.89 20.68 19.24
C LYS A 48 -7.91 22.11 18.69
N VAL A 49 -6.94 22.45 17.84
CA VAL A 49 -6.95 23.75 17.17
C VAL A 49 -8.03 23.80 16.08
N LEU A 50 -8.14 22.74 15.30
CA LEU A 50 -9.20 22.65 14.28
C LEU A 50 -10.58 22.65 14.93
N LEU A 51 -10.67 21.97 16.07
CA LEU A 51 -11.90 21.90 16.84
C LEU A 51 -12.37 23.29 17.24
N CYS A 52 -11.47 24.09 17.80
CA CYS A 52 -11.84 25.44 18.22
C CYS A 52 -12.03 26.37 17.02
N GLY A 53 -11.47 26.00 15.88
CA GLY A 53 -11.73 26.73 14.65
C GLY A 53 -13.17 26.55 14.22
N ALA A 54 -13.66 25.31 14.29
CA ALA A 54 -15.06 25.02 13.99
C ALA A 54 -15.98 25.73 14.98
N VAL A 55 -15.59 25.73 16.25
CA VAL A 55 -16.35 26.43 17.27
C VAL A 55 -16.41 27.92 16.96
N LEU A 56 -15.27 28.52 16.65
CA LEU A 56 -15.22 29.95 16.30
C LEU A 56 -16.03 30.27 15.03
N SER A 57 -16.07 29.34 14.09
CA SER A 57 -16.88 29.55 12.89
C SER A 57 -18.37 29.62 13.26
N ARG A 58 -18.78 28.85 14.26
CA ARG A 58 -20.17 28.88 14.69
C ARG A 58 -20.46 30.15 15.50
N VAL A 59 -19.47 30.61 16.26
CA VAL A 59 -19.58 31.87 16.97
C VAL A 59 -19.80 33.01 15.97
N ASP A 60 -19.04 32.99 14.88
CA ASP A 60 -19.20 33.98 13.82
C ASP A 60 -20.62 34.00 13.24
N ALA A 61 -21.18 32.81 13.03
CA ALA A 61 -22.50 32.67 12.45
C ALA A 61 -23.62 32.86 13.47
N GLY A 62 -23.24 33.10 14.73
CA GLY A 62 -24.21 33.33 15.78
C GLY A 62 -24.85 32.04 16.29
N GLN A 63 -24.28 30.90 15.88
CA GLN A 63 -24.79 29.60 16.31
C GLN A 63 -24.18 29.21 17.64
N GLU A 64 -23.16 29.97 18.05
CA GLU A 64 -22.49 29.73 19.32
C GLU A 64 -22.13 31.08 19.89
N GLN A 65 -21.98 31.15 21.21
CA GLN A 65 -21.52 32.37 21.84
C GLN A 65 -20.39 31.98 22.79
N LEU A 66 -19.30 32.75 22.78
CA LEU A 66 -18.13 32.44 23.61
C LEU A 66 -18.44 32.47 25.10
N GLY A 67 -19.45 33.24 25.48
CA GLY A 67 -19.81 33.37 26.89
C GLY A 67 -20.83 32.35 27.38
N ARG A 68 -21.34 31.52 26.48
CA ARG A 68 -22.31 30.51 26.88
C ARG A 68 -21.68 29.53 27.85
N ARG A 69 -22.39 29.23 28.94
CA ARG A 69 -21.85 28.40 29.98
C ARG A 69 -22.36 26.97 29.88
N ILE A 70 -21.42 26.03 29.92
CA ILE A 70 -21.74 24.61 29.82
C ILE A 70 -21.51 23.96 31.17
N HIS A 71 -22.50 23.21 31.66
CA HIS A 71 -22.31 22.42 32.86
C HIS A 71 -22.13 20.96 32.45
N TYR A 72 -21.52 20.17 33.31
CA TYR A 72 -21.23 18.78 33.03
C TYR A 72 -21.04 18.02 34.33
N SER A 73 -20.77 16.72 34.24
CA SER A 73 -20.72 15.90 35.45
C SER A 73 -19.41 15.16 35.57
N GLN A 74 -19.18 14.56 36.74
CA GLN A 74 -17.99 13.74 36.97
C GLN A 74 -17.89 12.63 35.92
N ASN A 75 -19.04 12.16 35.46
CA ASN A 75 -19.07 11.12 34.43
C ASN A 75 -18.45 11.55 33.11
N ASP A 76 -18.46 12.86 32.83
CA ASP A 76 -17.87 13.40 31.61
C ASP A 76 -16.34 13.46 31.65
N LEU A 77 -15.75 13.34 32.85
CA LEU A 77 -14.33 13.55 33.03
C LEU A 77 -13.46 12.38 32.58
N VAL A 78 -12.76 12.53 31.46
CA VAL A 78 -11.83 11.50 31.00
C VAL A 78 -10.41 11.84 31.42
N GLU A 79 -9.49 10.93 31.13
CA GLU A 79 -8.09 11.10 31.52
C GLU A 79 -7.51 12.43 31.08
N TYR A 80 -6.70 13.01 31.96
CA TYR A 80 -6.07 14.31 31.75
C TYR A 80 -7.06 15.46 31.47
N SER A 81 -7.65 15.94 32.56
CA SER A 81 -8.63 17.03 32.51
C SER A 81 -8.28 18.05 33.60
N PRO A 82 -7.09 18.68 33.51
CA PRO A 82 -6.54 19.52 34.58
C PRO A 82 -7.35 20.78 34.86
N VAL A 83 -8.12 21.24 33.87
CA VAL A 83 -8.96 22.41 34.07
C VAL A 83 -10.41 22.01 34.37
N THR A 84 -10.98 21.18 33.51
CA THR A 84 -12.40 20.84 33.66
C THR A 84 -12.71 20.12 34.96
N GLU A 85 -11.73 19.43 35.53
CA GLU A 85 -11.98 18.73 36.80
C GLU A 85 -12.23 19.72 37.94
N LYS A 86 -11.88 20.98 37.73
CA LYS A 86 -12.01 22.00 38.77
C LYS A 86 -13.32 22.79 38.67
N HIS A 87 -14.16 22.48 37.68
CA HIS A 87 -15.37 23.28 37.47
C HIS A 87 -16.66 22.48 37.35
N LEU A 88 -16.74 21.37 38.07
CA LEU A 88 -17.97 20.58 38.07
C LEU A 88 -19.15 21.37 38.62
N THR A 89 -18.89 22.26 39.58
CA THR A 89 -19.97 23.02 40.20
C THR A 89 -20.40 24.23 39.39
N ASP A 90 -19.44 25.03 38.93
CA ASP A 90 -19.74 26.28 38.24
C ASP A 90 -19.85 26.16 36.71
N GLY A 91 -19.39 25.03 36.17
CA GLY A 91 -19.35 24.88 34.72
C GLY A 91 -18.28 25.77 34.11
N MET A 92 -18.21 25.78 32.78
CA MET A 92 -17.23 26.59 32.07
C MET A 92 -17.85 27.21 30.83
N THR A 93 -17.38 28.39 30.46
CA THR A 93 -17.87 29.01 29.24
C THR A 93 -17.20 28.33 28.05
N VAL A 94 -17.76 28.55 26.87
CA VAL A 94 -17.19 27.99 25.64
C VAL A 94 -15.76 28.52 25.44
N ARG A 95 -15.56 29.79 25.77
CA ARG A 95 -14.24 30.40 25.69
C ARG A 95 -13.25 29.71 26.63
N GLU A 96 -13.67 29.48 27.87
CA GLU A 96 -12.84 28.78 28.85
C GLU A 96 -12.52 27.35 28.42
N LEU A 97 -13.45 26.70 27.73
CA LEU A 97 -13.23 25.34 27.25
C LEU A 97 -12.21 25.29 26.14
N CYS A 98 -12.28 26.25 25.22
CA CYS A 98 -11.26 26.31 24.17
C CYS A 98 -9.89 26.64 24.75
N SER A 99 -9.84 27.58 25.68
CA SER A 99 -8.58 27.91 26.35
C SER A 99 -7.97 26.67 27.03
N ALA A 100 -8.83 25.88 27.67
CA ALA A 100 -8.39 24.67 28.34
C ALA A 100 -7.92 23.62 27.33
N ALA A 101 -8.65 23.49 26.23
CA ALA A 101 -8.34 22.49 25.20
C ALA A 101 -7.03 22.82 24.49
N ILE A 102 -6.81 24.09 24.19
CA ILE A 102 -5.62 24.49 23.46
C ILE A 102 -4.40 24.74 24.35
N THR A 103 -4.54 25.55 25.40
CA THR A 103 -3.38 25.90 26.22
C THR A 103 -2.92 24.77 27.17
N MET A 104 -3.85 23.91 27.56
CA MET A 104 -3.54 22.84 28.52
C MET A 104 -3.79 21.44 27.96
N SER A 105 -4.39 21.38 26.77
CA SER A 105 -4.72 20.11 26.12
C SER A 105 -5.73 19.29 26.93
N ASP A 106 -6.61 19.99 27.65
CA ASP A 106 -7.65 19.35 28.46
C ASP A 106 -8.53 18.45 27.62
N ASN A 107 -8.58 17.17 27.97
CA ASN A 107 -9.31 16.20 27.16
C ASN A 107 -10.81 16.31 27.28
N THR A 108 -11.31 16.53 28.49
CA THR A 108 -12.75 16.68 28.67
C THR A 108 -13.24 17.96 27.98
N ALA A 109 -12.46 19.04 28.07
CA ALA A 109 -12.81 20.28 27.37
C ALA A 109 -12.98 20.00 25.89
N ALA A 110 -12.08 19.22 25.32
CA ALA A 110 -12.18 18.85 23.90
C ALA A 110 -13.46 18.07 23.60
N ASN A 111 -13.79 17.11 24.45
CA ASN A 111 -15.00 16.32 24.23
C ASN A 111 -16.26 17.17 24.34
N LEU A 112 -16.31 18.06 25.32
CA LEU A 112 -17.47 18.94 25.48
C LEU A 112 -17.65 19.82 24.25
N LEU A 113 -16.56 20.37 23.75
CA LEU A 113 -16.59 21.20 22.56
C LEU A 113 -17.03 20.40 21.33
N LEU A 114 -16.54 19.17 21.21
CA LEU A 114 -17.00 18.29 20.15
C LEU A 114 -18.51 18.12 20.19
N THR A 115 -19.06 17.89 21.38
CA THR A 115 -20.51 17.79 21.54
C THR A 115 -21.23 19.04 21.03
N THR A 116 -20.65 20.23 21.25
CA THR A 116 -21.29 21.45 20.78
C THR A 116 -21.44 21.52 19.27
N ILE A 117 -20.47 20.95 18.54
CA ILE A 117 -20.53 21.03 17.07
C ILE A 117 -21.15 19.81 16.42
N GLY A 118 -21.43 18.77 17.21
CA GLY A 118 -22.08 17.58 16.70
C GLY A 118 -21.15 16.39 16.57
N GLY A 119 -19.95 16.51 17.15
CA GLY A 119 -19.02 15.38 17.21
C GLY A 119 -17.98 15.33 16.10
N PRO A 120 -17.10 14.31 16.15
CA PRO A 120 -16.02 14.15 15.19
C PRO A 120 -16.48 14.25 13.73
N LYS A 121 -17.62 13.64 13.41
CA LYS A 121 -18.13 13.67 12.04
C LYS A 121 -18.38 15.10 11.53
N GLU A 122 -18.82 15.96 12.43
CA GLU A 122 -19.11 17.34 12.06
C GLU A 122 -17.85 18.19 12.01
N LEU A 123 -16.84 17.82 12.79
CA LEU A 123 -15.55 18.48 12.67
C LEU A 123 -14.99 18.13 11.30
N THR A 124 -15.08 16.87 10.94
CA THR A 124 -14.63 16.43 9.63
C THR A 124 -15.43 17.13 8.53
N ALA A 125 -16.75 17.26 8.71
CA ALA A 125 -17.57 17.95 7.73
C ALA A 125 -17.17 19.42 7.60
N PHE A 126 -16.90 20.06 8.73
CA PHE A 126 -16.36 21.42 8.76
C PHE A 126 -15.08 21.54 7.92
N LEU A 127 -14.13 20.65 8.16
CA LEU A 127 -12.86 20.63 7.44
C LEU A 127 -13.08 20.43 5.94
N HIS A 128 -13.95 19.48 5.61
CA HIS A 128 -14.32 19.20 4.23
C HIS A 128 -14.85 20.46 3.54
N ASN A 129 -15.68 21.21 4.24
CA ASN A 129 -16.27 22.40 3.65
C ASN A 129 -15.31 23.57 3.48
N MET A 130 -14.19 23.56 4.20
CA MET A 130 -13.18 24.58 3.97
C MET A 130 -12.07 24.06 3.05
N GLY A 131 -12.34 22.94 2.38
CA GLY A 131 -11.45 22.48 1.32
C GLY A 131 -10.35 21.53 1.75
N ASP A 132 -10.45 21.00 2.96
CA ASP A 132 -9.55 19.95 3.40
C ASP A 132 -10.33 18.63 3.34
N HIS A 133 -10.13 17.87 2.27
CA HIS A 133 -10.85 16.60 2.11
C HIS A 133 -9.96 15.43 2.52
N VAL A 134 -8.90 15.75 3.25
CA VAL A 134 -7.91 14.74 3.65
C VAL A 134 -7.98 14.44 5.15
N THR A 135 -7.93 15.49 5.96
CA THR A 135 -7.95 15.34 7.41
C THR A 135 -9.28 14.76 7.91
N ARG A 136 -9.22 13.87 8.89
CA ARG A 136 -10.44 13.27 9.40
C ARG A 136 -10.36 12.97 10.89
N LEU A 137 -11.40 13.38 11.62
CA LEU A 137 -11.57 12.98 13.01
C LEU A 137 -12.71 11.99 13.10
N ASP A 138 -12.47 10.87 13.79
CA ASP A 138 -13.44 9.78 13.82
C ASP A 138 -13.85 9.44 15.24
N ARG A 139 -12.99 9.79 16.20
CA ARG A 139 -13.18 9.34 17.57
C ARG A 139 -13.06 10.47 18.59
N TRP A 140 -13.41 10.15 19.83
CA TRP A 140 -13.35 11.12 20.93
C TRP A 140 -12.08 10.90 21.75
N GLU A 141 -11.83 11.80 22.71
CA GLU A 141 -10.75 11.58 23.66
C GLU A 141 -11.22 10.53 24.66
N PRO A 142 -10.33 9.59 25.02
CA PRO A 142 -8.94 9.54 24.57
C PRO A 142 -8.67 8.53 23.45
N GLU A 143 -9.70 7.90 22.92
CA GLU A 143 -9.50 6.83 21.92
C GLU A 143 -8.87 7.31 20.63
N LEU A 144 -8.99 8.59 20.33
CA LEU A 144 -8.44 9.10 19.07
C LEU A 144 -6.90 9.06 19.03
N ASN A 145 -6.27 8.77 20.17
CA ASN A 145 -4.81 8.70 20.22
C ASN A 145 -4.24 7.29 20.03
N GLU A 146 -5.08 6.34 19.65
CA GLU A 146 -4.68 4.95 19.58
C GLU A 146 -3.52 4.67 18.60
N ALA A 147 -3.53 5.39 17.48
CA ALA A 147 -2.42 5.32 16.51
C ALA A 147 -2.08 3.91 16.03
N ILE A 148 -3.10 3.07 15.80
CA ILE A 148 -2.87 1.76 15.20
C ILE A 148 -2.20 1.93 13.86
N PRO A 149 -1.13 1.17 13.60
CA PRO A 149 -0.46 1.27 12.29
C PRO A 149 -1.44 1.09 11.12
N ASN A 150 -1.33 1.96 10.12
CA ASN A 150 -2.14 1.92 8.90
C ASN A 150 -3.61 2.31 9.07
N ASP A 151 -4.02 2.57 10.31
CA ASP A 151 -5.36 3.04 10.62
C ASP A 151 -5.47 4.50 10.20
N GLU A 152 -6.46 4.82 9.36
CA GLU A 152 -6.61 6.18 8.86
C GLU A 152 -7.46 7.09 9.75
N ARG A 153 -8.17 6.52 10.72
CA ARG A 153 -8.98 7.30 11.64
C ARG A 153 -8.14 8.34 12.36
N ASP A 154 -8.70 9.54 12.54
CA ASP A 154 -8.06 10.57 13.35
C ASP A 154 -6.68 10.96 12.83
N THR A 155 -6.53 11.02 11.51
CA THR A 155 -5.25 11.36 10.90
C THR A 155 -5.34 12.59 10.01
N THR A 156 -4.18 13.15 9.72
CA THR A 156 -4.04 14.24 8.76
C THR A 156 -2.75 13.95 8.01
N THR A 157 -2.45 14.74 6.99
CA THR A 157 -1.14 14.68 6.36
C THR A 157 -0.47 15.99 6.72
N PRO A 158 0.87 16.04 6.69
CA PRO A 158 1.51 17.31 7.03
C PRO A 158 1.04 18.46 6.13
N ALA A 159 0.86 18.19 4.83
CA ALA A 159 0.43 19.23 3.91
C ALA A 159 -1.00 19.70 4.17
N ALA A 160 -1.91 18.75 4.41
CA ALA A 160 -3.30 19.10 4.68
C ALA A 160 -3.43 19.91 5.96
N MET A 161 -2.75 19.47 7.02
CA MET A 161 -2.80 20.17 8.29
C MET A 161 -2.19 21.58 8.18
N ALA A 162 -1.10 21.71 7.43
CA ALA A 162 -0.42 23.00 7.33
C ALA A 162 -1.30 24.02 6.62
N THR A 163 -1.89 23.61 5.50
CA THR A 163 -2.72 24.51 4.71
C THR A 163 -4.02 24.85 5.44
N THR A 164 -4.58 23.88 6.14
CA THR A 164 -5.79 24.12 6.93
C THR A 164 -5.51 25.12 8.06
N LEU A 165 -4.41 24.91 8.79
CA LEU A 165 -4.02 25.83 9.84
C LEU A 165 -3.83 27.24 9.26
N ARG A 166 -3.22 27.33 8.09
CA ARG A 166 -3.05 28.62 7.45
C ARG A 166 -4.40 29.24 7.12
N LYS A 167 -5.33 28.43 6.60
CA LYS A 167 -6.66 28.92 6.28
C LYS A 167 -7.40 29.39 7.54
N LEU A 168 -7.19 28.70 8.65
CA LEU A 168 -7.84 29.12 9.90
C LEU A 168 -7.25 30.43 10.42
N LEU A 169 -5.93 30.51 10.48
CA LEU A 169 -5.26 31.67 11.08
C LEU A 169 -5.27 32.92 10.21
N THR A 170 -5.23 32.74 8.89
CA THR A 170 -5.10 33.90 8.00
C THR A 170 -6.06 33.93 6.81
N GLY A 171 -6.83 32.85 6.62
CA GLY A 171 -7.68 32.74 5.45
C GLY A 171 -9.02 33.43 5.58
N GLU A 172 -9.89 33.23 4.60
CA GLU A 172 -11.15 33.97 4.54
C GLU A 172 -12.24 33.46 5.49
N LEU A 173 -12.00 32.29 6.06
CA LEU A 173 -13.00 31.55 6.83
C LEU A 173 -13.52 32.28 8.08
N LEU A 174 -12.62 32.62 8.98
CA LEU A 174 -13.01 33.23 10.24
C LEU A 174 -12.97 34.74 10.17
N THR A 175 -13.75 35.40 11.02
CA THR A 175 -13.69 36.85 11.15
C THR A 175 -12.34 37.20 11.73
N LEU A 176 -11.95 38.46 11.59
CA LEU A 176 -10.69 38.93 12.15
C LEU A 176 -10.63 38.64 13.66
N ALA A 177 -11.73 38.90 14.36
CA ALA A 177 -11.80 38.66 15.80
C ALA A 177 -11.53 37.21 16.18
N SER A 178 -12.11 36.29 15.42
CA SER A 178 -11.94 34.87 15.70
C SER A 178 -10.55 34.36 15.34
N ARG A 179 -9.96 34.90 14.28
CA ARG A 179 -8.60 34.49 13.93
C ARG A 179 -7.65 34.91 15.01
N GLN A 180 -7.84 36.13 15.52
CA GLN A 180 -7.00 36.64 16.60
C GLN A 180 -7.17 35.78 17.86
N GLN A 181 -8.41 35.38 18.15
CA GLN A 181 -8.66 34.57 19.34
C GLN A 181 -8.01 33.18 19.23
N LEU A 182 -8.14 32.55 18.06
CA LEU A 182 -7.53 31.24 17.86
C LEU A 182 -6.01 31.31 18.03
N ILE A 183 -5.36 32.28 17.43
CA ILE A 183 -3.94 32.46 17.54
C ILE A 183 -3.53 32.84 18.96
N ASP A 184 -4.32 33.66 19.63
CA ASP A 184 -4.04 34.02 21.03
C ASP A 184 -4.04 32.78 21.95
N TRP A 185 -4.98 31.86 21.72
CA TRP A 185 -5.02 30.64 22.50
C TRP A 185 -3.77 29.81 22.25
N MET A 186 -3.36 29.72 20.99
CA MET A 186 -2.18 28.95 20.62
C MET A 186 -0.89 29.57 21.18
N GLU A 187 -0.84 30.90 21.18
CA GLU A 187 0.33 31.58 21.73
C GLU A 187 0.48 31.27 23.24
N ALA A 188 -0.64 31.00 23.89
CA ALA A 188 -0.67 30.76 25.33
C ALA A 188 -0.51 29.28 25.72
N ASP A 189 -0.19 28.44 24.74
CA ASP A 189 0.06 27.00 24.95
C ASP A 189 1.03 26.79 26.12
N LYS A 190 0.66 25.94 27.07
CA LYS A 190 1.51 25.71 28.24
C LYS A 190 2.11 24.31 28.27
N VAL A 191 1.78 23.49 27.29
CA VAL A 191 2.20 22.10 27.32
C VAL A 191 3.03 21.67 26.10
N ALA A 192 3.76 22.61 25.52
CA ALA A 192 4.68 22.33 24.42
C ALA A 192 6.07 22.90 24.70
N GLY A 193 6.39 23.07 25.99
CA GLY A 193 7.66 23.60 26.41
C GLY A 193 8.94 23.04 25.78
N PRO A 194 9.10 21.70 25.75
CA PRO A 194 10.37 21.14 25.28
C PRO A 194 10.48 20.96 23.76
N LEU A 195 9.51 21.46 23.01
CA LEU A 195 9.53 21.22 21.57
C LEU A 195 10.09 22.42 20.82
N LEU A 196 9.33 22.96 19.92
CA LEU A 196 9.82 24.09 19.17
C LEU A 196 10.21 25.31 20.00
N ARG A 197 9.42 25.54 21.04
CA ARG A 197 9.71 26.65 21.95
C ARG A 197 11.12 26.59 22.51
N SER A 198 11.64 25.39 22.69
CA SER A 198 12.97 25.19 23.26
C SER A 198 14.10 25.65 22.33
N ALA A 199 13.78 25.86 21.06
CA ALA A 199 14.79 26.30 20.10
C ALA A 199 14.57 27.75 19.73
N LEU A 200 13.55 28.36 20.32
CA LEU A 200 13.10 29.69 19.92
C LEU A 200 13.91 30.79 20.60
N PRO A 201 14.56 31.65 19.80
CA PRO A 201 15.33 32.76 20.36
C PRO A 201 14.41 33.78 21.04
N ALA A 202 14.97 34.53 21.98
CA ALA A 202 14.22 35.59 22.66
C ALA A 202 13.61 36.55 21.63
N GLY A 203 12.38 36.99 21.87
CA GLY A 203 11.76 37.97 21.01
C GLY A 203 10.99 37.41 19.82
N TRP A 204 11.10 36.10 19.61
CA TRP A 204 10.35 35.47 18.53
C TRP A 204 8.93 35.19 18.97
N PHE A 205 8.02 35.25 18.01
CA PHE A 205 6.63 34.90 18.25
C PHE A 205 6.45 33.42 18.00
N ILE A 206 5.66 32.76 18.84
CA ILE A 206 5.21 31.41 18.51
C ILE A 206 3.81 31.15 19.04
N ALA A 207 3.01 30.51 18.19
CA ALA A 207 1.68 30.07 18.54
C ALA A 207 1.65 28.62 18.09
N ASP A 208 1.40 27.70 19.01
CA ASP A 208 1.53 26.29 18.66
C ASP A 208 0.55 25.38 19.39
N LYS A 209 0.56 24.12 18.98
CA LYS A 209 -0.20 23.08 19.64
C LYS A 209 0.52 21.76 19.39
N SER A 210 0.84 21.07 20.47
CA SER A 210 1.55 19.81 20.38
C SER A 210 0.60 18.65 20.61
N GLY A 211 1.05 17.45 20.28
CA GLY A 211 0.29 16.25 20.59
C GLY A 211 1.18 15.06 20.83
N ALA A 212 0.67 14.09 21.58
CA ALA A 212 1.33 12.82 21.76
C ALA A 212 0.25 11.76 21.88
N GLY A 213 0.57 10.53 21.46
CA GLY A 213 -0.36 9.43 21.58
C GLY A 213 0.35 8.10 21.66
N GLU A 214 -0.39 7.01 21.46
CA GLU A 214 0.19 5.67 21.53
C GLU A 214 1.22 5.44 20.42
N ARG A 215 2.05 4.43 20.61
CA ARG A 215 2.96 3.94 19.57
C ARG A 215 3.93 5.02 19.10
N GLY A 216 4.44 5.80 20.05
CA GLY A 216 5.49 6.78 19.77
C GLY A 216 5.02 7.97 18.96
N SER A 217 3.72 8.18 18.94
N SER A 217 3.72 8.17 18.89
CA SER A 217 3.16 9.30 18.20
CA SER A 217 3.20 9.30 18.11
C SER A 217 3.52 10.61 18.89
C SER A 217 3.42 10.61 18.84
N ARG A 218 3.95 11.59 18.11
CA ARG A 218 4.30 12.89 18.64
C ARG A 218 4.11 13.86 17.49
N GLY A 219 3.77 15.10 17.80
CA GLY A 219 3.60 16.08 16.75
C GLY A 219 3.39 17.48 17.26
N ILE A 220 3.46 18.44 16.34
CA ILE A 220 3.28 19.84 16.66
C ILE A 220 2.91 20.63 15.42
N ILE A 221 2.04 21.62 15.60
CA ILE A 221 1.73 22.59 14.55
C ILE A 221 2.02 23.96 15.14
N ALA A 222 2.50 24.87 14.31
CA ALA A 222 2.95 26.15 14.82
C ALA A 222 2.96 27.24 13.76
N ALA A 223 2.66 28.45 14.20
CA ALA A 223 2.94 29.65 13.42
C ALA A 223 3.96 30.43 14.23
N LEU A 224 5.08 30.79 13.61
CA LEU A 224 6.15 31.44 14.34
C LEU A 224 6.93 32.39 13.44
N GLY A 225 7.74 33.25 14.06
CA GLY A 225 8.55 34.18 13.32
C GLY A 225 9.34 35.10 14.25
N PRO A 226 10.35 35.77 13.70
CA PRO A 226 11.14 36.70 14.52
C PRO A 226 10.40 38.02 14.72
N ASP A 227 10.94 38.88 15.57
CA ASP A 227 10.42 40.22 15.75
C ASP A 227 8.97 40.24 16.21
N GLY A 228 8.59 39.26 17.04
CA GLY A 228 7.27 39.23 17.65
C GLY A 228 6.11 39.00 16.71
N LYS A 229 6.38 38.68 15.45
CA LYS A 229 5.33 38.44 14.45
C LYS A 229 5.53 37.10 13.75
N PRO A 230 4.44 36.33 13.57
CA PRO A 230 4.61 35.08 12.82
C PRO A 230 4.80 35.35 11.33
N SER A 231 5.54 34.48 10.66
CA SER A 231 5.71 34.59 9.21
C SER A 231 5.73 33.22 8.54
N ARG A 232 5.65 32.17 9.35
CA ARG A 232 5.77 30.81 8.80
C ARG A 232 4.94 29.81 9.59
N ILE A 233 4.42 28.82 8.89
CA ILE A 233 3.74 27.72 9.53
C ILE A 233 4.61 26.48 9.43
N VAL A 234 4.72 25.74 10.55
CA VAL A 234 5.52 24.52 10.60
C VAL A 234 4.71 23.40 11.21
N VAL A 235 4.71 22.27 10.52
CA VAL A 235 4.02 21.07 11.00
C VAL A 235 5.00 19.90 11.00
N ALA A 236 5.03 19.17 12.10
CA ALA A 236 5.87 17.98 12.20
C ALA A 236 5.15 16.90 12.97
N TYR A 237 5.18 15.67 12.44
CA TYR A 237 4.54 14.53 13.06
C TYR A 237 5.48 13.34 13.00
N THR A 238 5.37 12.44 13.96
CA THR A 238 6.03 11.15 13.88
C THR A 238 5.12 10.11 14.50
N THR A 239 5.22 8.87 14.03
CA THR A 239 4.50 7.77 14.68
C THR A 239 5.22 6.46 14.41
N GLY A 240 5.13 5.53 15.35
CA GLY A 240 5.71 4.21 15.18
C GLY A 240 6.91 3.93 16.06
N SER A 241 7.55 4.99 16.56
CA SER A 241 8.77 4.84 17.34
C SER A 241 8.55 4.18 18.70
N GLN A 242 9.57 3.50 19.20
CA GLN A 242 9.53 2.98 20.56
C GLN A 242 10.29 3.92 21.49
N ALA A 243 10.76 5.03 20.95
CA ALA A 243 11.55 5.99 21.72
C ALA A 243 10.76 6.59 22.87
N THR A 244 11.45 6.98 23.94
CA THR A 244 10.82 7.68 25.04
C THR A 244 10.33 9.05 24.60
N MET A 245 9.38 9.59 25.37
CA MET A 245 8.90 10.95 25.14
C MET A 245 10.04 11.96 25.06
N ASP A 246 11.03 11.81 25.93
CA ASP A 246 12.14 12.74 25.99
C ASP A 246 12.91 12.75 24.68
N GLU A 247 13.15 11.57 24.09
CA GLU A 247 13.87 11.54 22.82
C GLU A 247 13.04 12.12 21.69
N ARG A 248 11.75 11.83 21.68
CA ARG A 248 10.89 12.41 20.66
C ARG A 248 10.86 13.93 20.78
N ASN A 249 10.75 14.43 22.02
CA ASN A 249 10.82 15.86 22.26
C ASN A 249 12.11 16.46 21.68
N ARG A 250 13.23 15.82 22.01
CA ARG A 250 14.54 16.32 21.59
C ARG A 250 14.71 16.30 20.07
N GLN A 251 14.09 15.34 19.39
CA GLN A 251 14.19 15.26 17.94
C GLN A 251 13.45 16.41 17.28
N ILE A 252 12.27 16.71 17.80
CA ILE A 252 11.48 17.84 17.30
C ILE A 252 12.20 19.14 17.61
N ALA A 253 12.77 19.25 18.79
CA ALA A 253 13.53 20.45 19.17
C ALA A 253 14.74 20.64 18.26
N GLU A 254 15.38 19.53 17.89
CA GLU A 254 16.53 19.58 17.00
C GLU A 254 16.15 20.04 15.59
N ILE A 255 15.04 19.51 15.07
CA ILE A 255 14.51 19.98 13.79
C ILE A 255 14.20 21.47 13.92
N GLY A 256 13.56 21.84 15.03
CA GLY A 256 13.27 23.23 15.33
C GLY A 256 14.51 24.11 15.27
N ALA A 257 15.60 23.65 15.85
CA ALA A 257 16.85 24.40 15.86
C ALA A 257 17.37 24.66 14.45
N SER A 258 17.20 23.70 13.55
CA SER A 258 17.70 23.84 12.19
C SER A 258 16.86 24.84 11.40
N LEU A 259 15.55 24.77 11.58
CA LEU A 259 14.61 25.72 11.01
C LEU A 259 14.99 27.16 11.37
N ILE A 260 15.22 27.39 12.67
CA ILE A 260 15.59 28.71 13.15
C ILE A 260 16.95 29.12 12.62
N LYS A 261 17.92 28.21 12.74
CA LYS A 261 19.30 28.45 12.30
C LYS A 261 19.38 28.89 10.83
N HIS A 262 18.54 28.31 9.97
CA HIS A 262 18.55 28.62 8.54
C HIS A 262 17.33 29.41 8.09
N TRP A 263 16.69 30.11 9.02
CA TRP A 263 15.49 30.89 8.72
C TRP A 263 15.67 31.81 7.51
N HIS B 1 0.82 30.96 -12.61
CA HIS B 1 0.65 32.39 -12.84
C HIS B 1 -0.76 32.84 -12.46
N PRO B 2 -0.90 34.08 -11.92
CA PRO B 2 -2.23 34.56 -11.52
C PRO B 2 -3.27 34.53 -12.63
N GLU B 3 -2.87 34.78 -13.87
CA GLU B 3 -3.79 34.77 -14.99
C GLU B 3 -4.41 33.39 -15.18
N THR B 4 -3.62 32.35 -14.93
CA THR B 4 -4.09 30.98 -15.07
C THR B 4 -5.07 30.67 -13.94
N LEU B 5 -4.77 31.17 -12.75
CA LEU B 5 -5.66 31.05 -11.61
C LEU B 5 -7.04 31.64 -11.94
N VAL B 6 -7.03 32.81 -12.59
CA VAL B 6 -8.27 33.45 -13.03
C VAL B 6 -9.05 32.56 -14.01
N LYS B 7 -8.34 31.95 -14.94
CA LYS B 7 -8.96 31.06 -15.90
C LYS B 7 -9.67 29.94 -15.16
N VAL B 8 -8.95 29.32 -14.22
CA VAL B 8 -9.49 28.24 -13.41
C VAL B 8 -10.74 28.73 -12.67
N LYS B 9 -10.64 29.93 -12.10
CA LYS B 9 -11.77 30.56 -11.43
C LYS B 9 -12.94 30.75 -12.39
N ASP B 10 -12.68 31.30 -13.57
CA ASP B 10 -13.71 31.48 -14.59
C ASP B 10 -14.37 30.16 -14.98
N ALA B 11 -13.55 29.11 -15.10
CA ALA B 11 -14.05 27.79 -15.43
C ALA B 11 -15.04 27.29 -14.38
N GLU B 12 -14.74 27.51 -13.11
CA GLU B 12 -15.67 27.14 -12.03
C GLU B 12 -17.00 27.87 -12.18
N ASP B 13 -16.92 29.18 -12.39
CA ASP B 13 -18.11 30.00 -12.57
C ASP B 13 -18.88 29.54 -13.79
N GLN B 14 -18.17 29.33 -14.89
CA GLN B 14 -18.84 28.96 -16.14
C GLN B 14 -19.38 27.53 -16.17
N LEU B 15 -18.67 26.60 -15.56
CA LEU B 15 -19.13 25.21 -15.51
C LEU B 15 -20.15 24.98 -14.39
N GLY B 16 -20.17 25.89 -13.42
CA GLY B 16 -20.99 25.69 -12.25
C GLY B 16 -20.52 24.48 -11.47
N ALA B 17 -19.20 24.33 -11.36
CA ALA B 17 -18.63 23.11 -10.77
C ALA B 17 -17.26 23.38 -10.19
N ARG B 18 -16.87 22.58 -9.19
CA ARG B 18 -15.55 22.66 -8.60
C ARG B 18 -14.51 22.30 -9.65
N VAL B 19 -13.39 23.04 -9.64
CA VAL B 19 -12.24 22.73 -10.45
C VAL B 19 -11.02 22.70 -9.54
N GLY B 20 -10.17 21.69 -9.72
CA GLY B 20 -8.94 21.57 -8.95
C GLY B 20 -7.75 21.61 -9.90
N TYR B 21 -6.67 22.24 -9.46
CA TYR B 21 -5.58 22.54 -10.38
C TYR B 21 -4.26 22.63 -9.63
N ILE B 22 -3.22 22.02 -10.21
CA ILE B 22 -1.88 22.09 -9.65
C ILE B 22 -0.85 22.21 -10.77
N GLU B 23 0.12 23.10 -10.60
CA GLU B 23 1.32 23.09 -11.43
C GLU B 23 2.51 22.76 -10.54
N LEU B 24 3.36 21.87 -11.01
CA LEU B 24 4.46 21.38 -10.19
C LEU B 24 5.73 21.42 -11.04
N ASP B 25 6.79 22.04 -10.51
CA ASP B 25 8.07 22.02 -11.21
C ASP B 25 8.65 20.61 -11.22
N LEU B 26 8.97 20.10 -12.40
CA LEU B 26 9.34 18.70 -12.52
C LEU B 26 10.69 18.38 -11.86
N ASN B 27 11.64 19.31 -11.99
CA ASN B 27 12.97 19.11 -11.42
C ASN B 27 13.03 19.28 -9.90
N SER B 28 12.38 20.34 -9.41
CA SER B 28 12.47 20.70 -8.00
C SER B 28 11.29 20.20 -7.17
N GLY B 29 10.16 19.95 -7.83
CA GLY B 29 8.95 19.56 -7.12
C GLY B 29 8.27 20.74 -6.43
N LYS B 30 8.69 21.95 -6.76
CA LYS B 30 8.09 23.14 -6.16
C LYS B 30 6.73 23.39 -6.78
N ILE B 31 5.73 23.69 -5.95
CA ILE B 31 4.40 24.01 -6.48
C ILE B 31 4.40 25.45 -7.03
N LEU B 32 3.97 25.60 -8.28
CA LEU B 32 4.03 26.89 -8.96
C LEU B 32 2.69 27.60 -8.95
N GLU B 33 1.62 26.82 -8.86
CA GLU B 33 0.27 27.36 -8.83
C GLU B 33 -0.65 26.25 -8.33
N SER B 34 -1.69 26.63 -7.58
CA SER B 34 -2.64 25.64 -7.08
C SER B 34 -4.03 26.21 -6.86
N PHE B 35 -5.02 25.34 -6.95
CA PHE B 35 -6.41 25.71 -6.68
C PHE B 35 -7.12 24.46 -6.21
N ARG B 36 -7.78 24.56 -5.05
CA ARG B 36 -8.36 23.39 -4.38
C ARG B 36 -7.44 22.17 -4.34
N PRO B 37 -6.17 22.36 -3.93
CA PRO B 37 -5.21 21.25 -4.05
C PRO B 37 -5.46 20.08 -3.09
N GLU B 38 -6.20 20.30 -2.01
CA GLU B 38 -6.46 19.25 -1.02
C GLU B 38 -7.89 18.74 -1.09
N GLU B 39 -8.59 19.08 -2.17
CA GLU B 39 -9.95 18.58 -2.39
C GLU B 39 -9.94 17.34 -3.28
N ARG B 40 -10.85 16.42 -3.02
CA ARG B 40 -10.92 15.18 -3.79
C ARG B 40 -11.74 15.31 -5.05
N PHE B 41 -11.29 14.62 -6.10
CA PHE B 41 -11.96 14.56 -7.38
C PHE B 41 -11.86 13.14 -7.90
N PRO B 42 -12.86 12.69 -8.67
CA PRO B 42 -12.77 11.36 -9.29
C PRO B 42 -11.60 11.30 -10.28
N MET B 43 -10.80 10.25 -10.19
CA MET B 43 -9.67 10.10 -11.10
C MET B 43 -10.10 9.78 -12.52
N MET B 44 -11.19 9.03 -12.64
CA MET B 44 -11.62 8.47 -13.93
C MET B 44 -10.43 7.74 -14.55
N SER B 45 -10.24 7.88 -15.85
CA SER B 45 -9.16 7.14 -16.52
C SER B 45 -7.73 7.60 -16.21
N THR B 46 -7.59 8.72 -15.50
CA THR B 46 -6.25 9.17 -15.13
C THR B 46 -5.58 8.14 -14.23
N PHE B 47 -6.38 7.24 -13.63
CA PHE B 47 -5.83 6.22 -12.74
C PHE B 47 -5.03 5.21 -13.54
N LYS B 48 -5.24 5.17 -14.84
CA LYS B 48 -4.60 4.15 -15.68
C LYS B 48 -3.09 4.30 -15.71
N VAL B 49 -2.60 5.53 -15.51
CA VAL B 49 -1.16 5.77 -15.40
C VAL B 49 -0.61 5.17 -14.10
N LEU B 50 -1.35 5.32 -13.00
CA LEU B 50 -0.91 4.78 -11.70
C LEU B 50 -0.90 3.26 -11.76
N LEU B 51 -1.92 2.71 -12.41
CA LEU B 51 -2.04 1.27 -12.60
C LEU B 51 -0.82 0.71 -13.32
N CYS B 52 -0.41 1.36 -14.40
CA CYS B 52 0.74 0.87 -15.15
C CYS B 52 2.06 1.16 -14.44
N GLY B 53 2.07 2.18 -13.59
CA GLY B 53 3.20 2.40 -12.70
C GLY B 53 3.38 1.23 -11.75
N ALA B 54 2.27 0.70 -11.23
CA ALA B 54 2.30 -0.44 -10.32
C ALA B 54 2.74 -1.69 -11.05
N VAL B 55 2.25 -1.86 -12.27
CA VAL B 55 2.64 -2.96 -13.13
C VAL B 55 4.15 -2.91 -13.40
N LEU B 56 4.65 -1.74 -13.77
CA LEU B 56 6.08 -1.58 -14.03
C LEU B 56 6.92 -1.83 -12.78
N SER B 57 6.40 -1.47 -11.60
CA SER B 57 7.10 -1.75 -10.36
C SER B 57 7.29 -3.25 -10.20
N ARG B 58 6.26 -4.01 -10.60
CA ARG B 58 6.32 -5.47 -10.56
C ARG B 58 7.29 -6.02 -11.60
N VAL B 59 7.33 -5.38 -12.76
CA VAL B 59 8.27 -5.76 -13.81
C VAL B 59 9.71 -5.59 -13.32
N ASP B 60 9.99 -4.46 -12.68
CA ASP B 60 11.32 -4.21 -12.11
C ASP B 60 11.73 -5.31 -11.13
N ALA B 61 10.78 -5.73 -10.31
CA ALA B 61 11.01 -6.75 -9.29
C ALA B 61 10.99 -8.16 -9.87
N GLY B 62 10.65 -8.28 -11.14
CA GLY B 62 10.61 -9.58 -11.80
C GLY B 62 9.36 -10.37 -11.49
N GLN B 63 8.37 -9.73 -10.89
CA GLN B 63 7.10 -10.38 -10.58
C GLN B 63 6.17 -10.32 -11.77
N GLU B 64 6.56 -9.53 -12.75
CA GLU B 64 5.81 -9.38 -13.97
C GLU B 64 6.83 -9.21 -15.10
N GLN B 65 6.44 -9.57 -16.33
CA GLN B 65 7.30 -9.33 -17.49
C GLN B 65 6.44 -8.68 -18.57
N LEU B 66 6.97 -7.65 -19.21
CA LEU B 66 6.20 -6.92 -20.22
C LEU B 66 5.78 -7.78 -21.41
N GLY B 67 6.54 -8.82 -21.70
CA GLY B 67 6.23 -9.69 -22.82
C GLY B 67 5.25 -10.80 -22.52
N ARG B 68 4.87 -10.95 -21.25
CA ARG B 68 3.92 -11.99 -20.86
C ARG B 68 2.58 -11.82 -21.55
N ARG B 69 2.09 -12.90 -22.15
CA ARG B 69 0.84 -12.87 -22.91
C ARG B 69 -0.35 -13.28 -22.07
N ILE B 70 -1.39 -12.47 -22.11
CA ILE B 70 -2.63 -12.73 -21.38
C ILE B 70 -3.76 -13.02 -22.36
N HIS B 71 -4.48 -14.13 -22.14
CA HIS B 71 -5.64 -14.46 -22.96
C HIS B 71 -6.90 -14.23 -22.14
N TYR B 72 -7.94 -13.72 -22.79
CA TYR B 72 -9.19 -13.37 -22.11
C TYR B 72 -10.37 -13.71 -23.03
N SER B 73 -11.59 -13.52 -22.54
CA SER B 73 -12.74 -13.93 -23.32
C SER B 73 -13.76 -12.82 -23.50
N GLN B 74 -14.77 -13.11 -24.33
CA GLN B 74 -15.85 -12.18 -24.62
C GLN B 74 -16.43 -11.60 -23.34
N ASN B 75 -16.71 -12.46 -22.37
CA ASN B 75 -17.33 -12.06 -21.11
C ASN B 75 -16.49 -11.05 -20.31
N ASP B 76 -15.20 -10.94 -20.63
CA ASP B 76 -14.31 -10.01 -19.94
C ASP B 76 -14.32 -8.60 -20.53
N LEU B 77 -14.96 -8.44 -21.68
CA LEU B 77 -15.02 -7.14 -22.35
C LEU B 77 -16.10 -6.22 -21.76
N VAL B 78 -15.68 -5.05 -21.30
CA VAL B 78 -16.62 -4.04 -20.82
C VAL B 78 -16.73 -2.91 -21.84
N GLU B 79 -17.62 -1.97 -21.59
CA GLU B 79 -17.85 -0.86 -22.51
C GLU B 79 -16.55 -0.11 -22.84
N TYR B 80 -16.46 0.32 -24.09
CA TYR B 80 -15.27 0.99 -24.63
C TYR B 80 -13.99 0.17 -24.47
N SER B 81 -13.83 -0.82 -25.34
CA SER B 81 -12.64 -1.64 -25.37
C SER B 81 -12.10 -1.71 -26.79
N PRO B 82 -11.71 -0.56 -27.36
CA PRO B 82 -11.39 -0.47 -28.79
C PRO B 82 -10.21 -1.35 -29.20
N VAL B 83 -9.31 -1.64 -28.26
CA VAL B 83 -8.14 -2.46 -28.59
C VAL B 83 -8.32 -3.91 -28.14
N THR B 84 -8.69 -4.12 -26.89
CA THR B 84 -8.86 -5.49 -26.39
C THR B 84 -9.91 -6.28 -27.17
N GLU B 85 -10.91 -5.61 -27.75
CA GLU B 85 -11.93 -6.32 -28.50
C GLU B 85 -11.39 -6.96 -29.77
N LYS B 86 -10.22 -6.51 -30.21
CA LYS B 86 -9.59 -7.04 -31.43
C LYS B 86 -8.61 -8.19 -31.20
N HIS B 87 -8.43 -8.62 -29.95
CA HIS B 87 -7.43 -9.64 -29.67
C HIS B 87 -7.93 -10.79 -28.79
N LEU B 88 -9.19 -11.18 -28.99
CA LEU B 88 -9.76 -12.28 -28.24
C LEU B 88 -9.05 -13.58 -28.57
N THR B 89 -8.60 -13.70 -29.81
CA THR B 89 -7.94 -14.91 -30.29
C THR B 89 -6.47 -15.01 -29.86
N ASP B 90 -5.71 -13.95 -30.07
CA ASP B 90 -4.28 -14.01 -29.82
C ASP B 90 -3.89 -13.54 -28.42
N GLY B 91 -4.80 -12.86 -27.74
CA GLY B 91 -4.48 -12.26 -26.45
C GLY B 91 -3.58 -11.05 -26.64
N MET B 92 -3.11 -10.48 -25.53
CA MET B 92 -2.25 -9.32 -25.58
C MET B 92 -1.16 -9.44 -24.53
N THR B 93 0.01 -8.89 -24.83
CA THR B 93 1.07 -8.87 -23.84
C THR B 93 0.75 -7.78 -22.81
N VAL B 94 1.41 -7.87 -21.66
CA VAL B 94 1.25 -6.87 -20.61
C VAL B 94 1.57 -5.47 -21.14
N ARG B 95 2.66 -5.37 -21.91
CA ARG B 95 3.08 -4.12 -22.54
C ARG B 95 1.97 -3.56 -23.42
N GLU B 96 1.36 -4.44 -24.21
CA GLU B 96 0.26 -4.05 -25.09
C GLU B 96 -0.96 -3.56 -24.31
N LEU B 97 -1.21 -4.19 -23.17
CA LEU B 97 -2.37 -3.81 -22.36
C LEU B 97 -2.14 -2.44 -21.75
N CYS B 98 -0.92 -2.17 -21.29
CA CYS B 98 -0.63 -0.84 -20.76
C CYS B 98 -0.69 0.20 -21.87
N SER B 99 -0.17 -0.14 -23.04
CA SER B 99 -0.29 0.76 -24.18
C SER B 99 -1.76 1.08 -24.47
N ALA B 100 -2.60 0.05 -24.50
CA ALA B 100 -4.02 0.24 -24.77
C ALA B 100 -4.68 1.10 -23.68
N ALA B 101 -4.35 0.79 -22.43
CA ALA B 101 -4.94 1.47 -21.27
C ALA B 101 -4.60 2.93 -21.25
N ILE B 102 -3.35 3.26 -21.54
CA ILE B 102 -2.89 4.63 -21.46
C ILE B 102 -3.17 5.42 -22.74
N THR B 103 -2.85 4.85 -23.90
CA THR B 103 -2.97 5.60 -25.14
C THR B 103 -4.38 5.65 -25.71
N MET B 104 -5.21 4.66 -25.36
CA MET B 104 -6.57 4.60 -25.89
C MET B 104 -7.64 4.55 -24.80
N SER B 105 -7.21 4.51 -23.55
CA SER B 105 -8.13 4.44 -22.42
C SER B 105 -9.00 3.18 -22.44
N ASP B 106 -8.48 2.12 -23.06
CA ASP B 106 -9.19 0.86 -23.16
C ASP B 106 -9.56 0.34 -21.77
N ASN B 107 -10.85 0.12 -21.55
CA ASN B 107 -11.35 -0.24 -20.23
C ASN B 107 -11.07 -1.66 -19.82
N THR B 108 -11.22 -2.59 -20.76
CA THR B 108 -10.93 -3.99 -20.45
C THR B 108 -9.43 -4.19 -20.18
N ALA B 109 -8.59 -3.48 -20.92
CA ALA B 109 -7.15 -3.52 -20.64
C ALA B 109 -6.88 -3.14 -19.17
N ALA B 110 -7.54 -2.08 -18.71
CA ALA B 110 -7.38 -1.65 -17.33
C ALA B 110 -7.80 -2.74 -16.36
N ASN B 111 -8.95 -3.37 -16.60
CA ASN B 111 -9.40 -4.45 -15.71
C ASN B 111 -8.46 -5.65 -15.70
N LEU B 112 -7.98 -6.02 -16.88
CA LEU B 112 -7.04 -7.14 -16.99
C LEU B 112 -5.77 -6.85 -16.20
N LEU B 113 -5.28 -5.63 -16.28
CA LEU B 113 -4.08 -5.22 -15.54
C LEU B 113 -4.32 -5.19 -14.03
N LEU B 114 -5.48 -4.69 -13.63
CA LEU B 114 -5.85 -4.70 -12.22
C LEU B 114 -5.85 -6.13 -11.67
N THR B 115 -6.37 -7.07 -12.46
CA THR B 115 -6.35 -8.47 -12.05
C THR B 115 -4.92 -8.96 -11.80
N THR B 116 -3.98 -8.58 -12.67
CA THR B 116 -2.60 -9.04 -12.50
C THR B 116 -1.95 -8.59 -11.18
N ILE B 117 -2.43 -7.47 -10.61
CA ILE B 117 -1.81 -6.96 -9.38
C ILE B 117 -2.61 -7.25 -8.11
N GLY B 118 -3.80 -7.83 -8.26
CA GLY B 118 -4.62 -8.14 -7.10
C GLY B 118 -5.76 -7.17 -6.88
N GLY B 119 -6.06 -6.35 -7.89
CA GLY B 119 -7.24 -5.49 -7.84
C GLY B 119 -7.01 -4.10 -7.29
N PRO B 120 -8.09 -3.30 -7.21
CA PRO B 120 -8.03 -1.91 -6.74
C PRO B 120 -7.38 -1.78 -5.37
N LYS B 121 -7.65 -2.71 -4.47
CA LYS B 121 -7.07 -2.67 -3.13
C LYS B 121 -5.54 -2.72 -3.21
N GLU B 122 -5.03 -3.51 -4.15
CA GLU B 122 -3.59 -3.63 -4.31
C GLU B 122 -2.96 -2.44 -5.04
N LEU B 123 -3.72 -1.77 -5.90
CA LEU B 123 -3.22 -0.54 -6.50
C LEU B 123 -3.12 0.55 -5.43
N THR B 124 -4.14 0.62 -4.56
CA THR B 124 -4.11 1.59 -3.48
C THR B 124 -2.93 1.31 -2.56
N ALA B 125 -2.68 0.03 -2.28
CA ALA B 125 -1.55 -0.35 -1.43
C ALA B 125 -0.22 0.07 -2.07
N PHE B 126 -0.10 -0.07 -3.38
CA PHE B 126 1.08 0.41 -4.11
C PHE B 126 1.30 1.92 -3.89
N LEU B 127 0.25 2.70 -4.11
CA LEU B 127 0.31 4.14 -3.92
C LEU B 127 0.67 4.50 -2.48
N HIS B 128 0.05 3.81 -1.54
CA HIS B 128 0.32 3.98 -0.12
C HIS B 128 1.81 3.82 0.16
N ASN B 129 2.39 2.74 -0.38
CA ASN B 129 3.78 2.41 -0.10
C ASN B 129 4.78 3.35 -0.77
N MET B 130 4.34 4.10 -1.77
CA MET B 130 5.21 5.12 -2.35
C MET B 130 4.94 6.50 -1.75
N GLY B 131 4.12 6.56 -0.71
CA GLY B 131 3.97 7.78 0.05
C GLY B 131 2.74 8.62 -0.26
N ASP B 132 1.82 8.06 -1.02
CA ASP B 132 0.55 8.71 -1.31
C ASP B 132 -0.54 8.04 -0.48
N HIS B 133 -0.90 8.65 0.65
CA HIS B 133 -1.89 8.07 1.55
C HIS B 133 -3.28 8.65 1.33
N VAL B 134 -3.44 9.35 0.22
CA VAL B 134 -4.65 10.08 -0.08
C VAL B 134 -5.45 9.44 -1.23
N THR B 135 -4.75 9.18 -2.33
CA THR B 135 -5.36 8.60 -3.52
C THR B 135 -5.86 7.19 -3.26
N ARG B 136 -7.03 6.85 -3.78
CA ARG B 136 -7.57 5.51 -3.57
C ARG B 136 -8.35 5.01 -4.77
N LEU B 137 -8.08 3.78 -5.19
CA LEU B 137 -8.94 3.11 -6.16
C LEU B 137 -9.73 2.04 -5.44
N ASP B 138 -11.04 1.98 -5.71
CA ASP B 138 -11.93 1.11 -4.98
C ASP B 138 -12.70 0.19 -5.89
N ARG B 139 -12.91 0.63 -7.12
CA ARG B 139 -13.77 -0.09 -8.05
C ARG B 139 -13.07 -0.35 -9.38
N TRP B 140 -13.74 -1.12 -10.23
CA TRP B 140 -13.20 -1.50 -11.53
C TRP B 140 -13.90 -0.67 -12.62
N GLU B 141 -13.44 -0.79 -13.85
CA GLU B 141 -14.17 -0.20 -14.97
C GLU B 141 -15.41 -1.02 -15.25
N PRO B 142 -16.55 -0.34 -15.50
CA PRO B 142 -16.68 1.12 -15.62
C PRO B 142 -17.22 1.82 -14.35
N GLU B 143 -17.48 1.07 -13.27
CA GLU B 143 -18.13 1.65 -12.09
C GLU B 143 -17.32 2.74 -11.38
N LEU B 144 -16.02 2.78 -11.62
CA LEU B 144 -15.17 3.76 -10.95
C LEU B 144 -15.42 5.19 -11.43
N ASN B 145 -16.22 5.33 -12.50
CA ASN B 145 -16.51 6.64 -13.10
C ASN B 145 -17.81 7.26 -12.61
N GLU B 146 -18.42 6.66 -11.59
CA GLU B 146 -19.76 7.04 -11.16
C GLU B 146 -19.81 8.47 -10.62
N ALA B 147 -18.75 8.88 -9.92
CA ALA B 147 -18.62 10.24 -9.41
C ALA B 147 -19.82 10.71 -8.59
N ILE B 148 -20.35 9.85 -7.73
CA ILE B 148 -21.40 10.24 -6.79
C ILE B 148 -20.89 11.38 -5.91
N PRO B 149 -21.64 12.49 -5.83
CA PRO B 149 -21.23 13.61 -4.97
C PRO B 149 -20.86 13.16 -3.55
N ASN B 150 -19.73 13.65 -3.06
CA ASN B 150 -19.21 13.31 -1.72
C ASN B 150 -18.75 11.88 -1.54
N ASP B 151 -18.70 11.11 -2.62
CA ASP B 151 -18.14 9.76 -2.59
C ASP B 151 -16.61 9.85 -2.70
N GLU B 152 -15.90 9.24 -1.76
CA GLU B 152 -14.45 9.34 -1.77
C GLU B 152 -13.77 8.19 -2.52
N ARG B 153 -14.55 7.19 -2.91
CA ARG B 153 -14.03 6.09 -3.71
C ARG B 153 -13.47 6.60 -5.03
N ASP B 154 -12.38 5.99 -5.48
CA ASP B 154 -11.83 6.26 -6.81
C ASP B 154 -11.45 7.72 -6.99
N THR B 155 -11.01 8.37 -5.92
CA THR B 155 -10.63 9.78 -5.98
C THR B 155 -9.17 10.02 -5.64
N THR B 156 -8.71 11.21 -6.03
CA THR B 156 -7.41 11.73 -5.65
C THR B 156 -7.61 13.22 -5.39
N THR B 157 -6.56 13.89 -4.93
CA THR B 157 -6.56 15.35 -4.86
C THR B 157 -5.59 15.83 -5.93
N PRO B 158 -5.72 17.08 -6.39
CA PRO B 158 -4.75 17.56 -7.38
C PRO B 158 -3.29 17.47 -6.88
N ALA B 159 -3.06 17.75 -5.59
CA ALA B 159 -1.71 17.72 -5.05
C ALA B 159 -1.15 16.30 -4.92
N ALA B 160 -1.97 15.37 -4.45
CA ALA B 160 -1.56 13.99 -4.32
C ALA B 160 -1.22 13.43 -5.69
N MET B 161 -2.06 13.69 -6.68
CA MET B 161 -1.86 13.15 -8.00
C MET B 161 -0.64 13.74 -8.67
N ALA B 162 -0.42 15.05 -8.50
CA ALA B 162 0.73 15.70 -9.08
C ALA B 162 2.04 15.16 -8.51
N THR B 163 2.11 15.05 -7.19
CA THR B 163 3.33 14.57 -6.54
C THR B 163 3.58 13.10 -6.85
N THR B 164 2.51 12.31 -6.89
CA THR B 164 2.61 10.90 -7.24
C THR B 164 3.12 10.72 -8.67
N LEU B 165 2.56 11.49 -9.61
CA LEU B 165 3.00 11.41 -11.00
C LEU B 165 4.49 11.76 -11.10
N ARG B 166 4.88 12.82 -10.41
CA ARG B 166 6.27 13.24 -10.42
C ARG B 166 7.20 12.14 -9.91
N LYS B 167 6.79 11.48 -8.83
CA LYS B 167 7.59 10.39 -8.29
C LYS B 167 7.67 9.22 -9.28
N LEU B 168 6.54 8.91 -9.91
CA LEU B 168 6.50 7.82 -10.89
C LEU B 168 7.43 8.08 -12.07
N LEU B 169 7.40 9.31 -12.57
CA LEU B 169 8.12 9.64 -13.78
C LEU B 169 9.59 9.96 -13.55
N THR B 170 9.93 10.54 -12.40
CA THR B 170 11.31 10.98 -12.18
C THR B 170 11.89 10.61 -10.81
N GLY B 171 11.09 9.94 -9.98
CA GLY B 171 11.50 9.68 -8.60
C GLY B 171 12.25 8.38 -8.37
N GLU B 172 12.61 8.13 -7.10
CA GLU B 172 13.31 6.91 -6.72
C GLU B 172 12.30 5.80 -6.47
N LEU B 173 11.70 5.30 -7.54
CA LEU B 173 10.71 4.25 -7.43
C LEU B 173 10.96 3.23 -8.52
N LEU B 174 10.74 3.66 -9.76
CA LEU B 174 10.92 2.79 -10.90
C LEU B 174 12.35 2.90 -11.47
N THR B 175 12.77 1.87 -12.18
CA THR B 175 14.05 1.87 -12.88
C THR B 175 13.99 2.91 -13.97
N LEU B 176 15.17 3.30 -14.48
CA LEU B 176 15.25 4.28 -15.55
C LEU B 176 14.46 3.82 -16.77
N ALA B 177 14.56 2.52 -17.07
CA ALA B 177 13.83 1.95 -18.21
C ALA B 177 12.32 2.00 -18.02
N SER B 178 11.86 1.74 -16.81
CA SER B 178 10.43 1.76 -16.53
C SER B 178 9.88 3.18 -16.51
N ARG B 179 10.65 4.13 -15.99
CA ARG B 179 10.25 5.53 -16.04
C ARG B 179 10.08 5.96 -17.49
N GLN B 180 11.00 5.51 -18.35
CA GLN B 180 10.97 5.91 -19.75
C GLN B 180 9.80 5.28 -20.49
N GLN B 181 9.49 4.02 -20.17
CA GLN B 181 8.35 3.35 -20.77
C GLN B 181 7.04 4.05 -20.38
N LEU B 182 6.91 4.39 -19.11
CA LEU B 182 5.67 5.02 -18.63
C LEU B 182 5.43 6.35 -19.35
N ILE B 183 6.45 7.17 -19.40
CA ILE B 183 6.37 8.44 -20.09
C ILE B 183 6.15 8.29 -21.61
N ASP B 184 6.74 7.24 -22.20
CA ASP B 184 6.53 6.97 -23.62
C ASP B 184 5.07 6.62 -23.93
N TRP B 185 4.44 5.84 -23.06
CA TRP B 185 3.03 5.51 -23.23
C TRP B 185 2.19 6.78 -23.14
N MET B 186 2.49 7.64 -22.18
CA MET B 186 1.72 8.86 -21.98
C MET B 186 1.91 9.83 -23.14
N GLU B 187 3.13 9.86 -23.68
CA GLU B 187 3.40 10.72 -24.84
C GLU B 187 2.58 10.27 -26.06
N ALA B 188 2.28 8.97 -26.10
CA ALA B 188 1.54 8.37 -27.20
C ALA B 188 0.02 8.42 -27.06
N ASP B 189 -0.46 9.13 -26.04
CA ASP B 189 -1.88 9.31 -25.75
C ASP B 189 -2.63 9.79 -27.01
N LYS B 190 -3.67 9.05 -27.40
CA LYS B 190 -4.43 9.38 -28.62
C LYS B 190 -5.79 9.96 -28.32
N VAL B 191 -6.18 10.04 -27.05
CA VAL B 191 -7.55 10.45 -26.73
C VAL B 191 -7.64 11.74 -25.90
N ALA B 192 -6.58 12.54 -25.91
CA ALA B 192 -6.58 13.80 -25.16
C ALA B 192 -6.42 15.00 -26.09
N GLY B 193 -6.72 14.80 -27.38
CA GLY B 193 -6.52 15.81 -28.41
C GLY B 193 -7.03 17.21 -28.15
N PRO B 194 -8.30 17.36 -27.71
CA PRO B 194 -8.84 18.72 -27.51
C PRO B 194 -8.55 19.34 -26.15
N LEU B 195 -7.63 18.76 -25.39
CA LEU B 195 -7.37 19.32 -24.07
C LEU B 195 -6.09 20.14 -24.08
N LEU B 196 -5.14 19.81 -23.17
CA LEU B 196 -3.88 20.54 -23.14
C LEU B 196 -3.08 20.59 -24.46
N ARG B 197 -3.14 19.45 -25.16
CA ARG B 197 -2.45 19.36 -26.44
C ARG B 197 -2.84 20.47 -27.40
N SER B 198 -4.11 20.87 -27.34
CA SER B 198 -4.66 21.90 -28.23
C SER B 198 -4.03 23.28 -28.00
N ALA B 199 -3.42 23.47 -26.83
CA ALA B 199 -2.83 24.77 -26.50
C ALA B 199 -1.33 24.79 -26.77
N LEU B 200 -0.78 23.64 -27.12
CA LEU B 200 0.67 23.46 -27.19
C LEU B 200 1.29 23.94 -28.49
N PRO B 201 2.33 24.80 -28.40
CA PRO B 201 3.01 25.25 -29.62
C PRO B 201 3.81 24.11 -30.25
N ALA B 202 4.23 24.31 -31.49
CA ALA B 202 5.06 23.32 -32.19
C ALA B 202 6.35 23.06 -31.42
N GLY B 203 6.79 21.80 -31.39
CA GLY B 203 8.06 21.47 -30.79
C GLY B 203 8.03 21.25 -29.29
N TRP B 204 6.88 21.44 -28.67
CA TRP B 204 6.73 21.18 -27.24
C TRP B 204 6.56 19.70 -26.98
N PHE B 205 7.03 19.25 -25.82
CA PHE B 205 6.83 17.87 -25.40
C PHE B 205 5.58 17.80 -24.52
N ILE B 206 4.78 16.76 -24.70
CA ILE B 206 3.71 16.46 -23.76
C ILE B 206 3.48 14.97 -23.61
N ALA B 207 3.32 14.55 -22.37
CA ALA B 207 2.95 13.19 -22.01
C ALA B 207 1.78 13.35 -21.06
N ASP B 208 0.63 12.80 -21.42
CA ASP B 208 -0.56 13.04 -20.62
C ASP B 208 -1.52 11.87 -20.56
N LYS B 209 -2.54 12.03 -19.73
CA LYS B 209 -3.62 11.07 -19.61
C LYS B 209 -4.86 11.83 -19.14
N SER B 210 -5.94 11.68 -19.89
CA SER B 210 -7.18 12.36 -19.57
C SER B 210 -8.20 11.38 -19.04
N GLY B 211 -9.29 11.93 -18.52
CA GLY B 211 -10.40 11.10 -18.10
C GLY B 211 -11.70 11.87 -18.21
N ALA B 212 -12.80 11.13 -18.30
CA ALA B 212 -14.12 11.72 -18.27
C ALA B 212 -14.96 10.75 -17.47
N GLY B 213 -15.97 11.27 -16.78
CA GLY B 213 -16.82 10.42 -15.98
C GLY B 213 -18.23 10.98 -15.90
N GLU B 214 -19.07 10.32 -15.11
CA GLU B 214 -20.44 10.76 -14.91
C GLU B 214 -20.45 12.13 -14.25
N ARG B 215 -21.60 12.80 -14.31
CA ARG B 215 -21.84 14.03 -13.58
C ARG B 215 -20.82 15.11 -13.90
N GLY B 216 -20.50 15.24 -15.19
CA GLY B 216 -19.62 16.30 -15.67
C GLY B 216 -18.16 16.13 -15.33
N SER B 217 -17.78 14.94 -14.88
CA SER B 217 -16.39 14.70 -14.48
C SER B 217 -15.46 14.77 -15.69
N ARG B 218 -14.35 15.49 -15.51
CA ARG B 218 -13.33 15.62 -16.55
C ARG B 218 -12.00 15.89 -15.87
N GLY B 219 -10.92 15.38 -16.44
CA GLY B 219 -9.61 15.60 -15.87
C GLY B 219 -8.46 15.28 -16.79
N ILE B 220 -7.28 15.77 -16.43
CA ILE B 220 -6.07 15.50 -17.18
C ILE B 220 -4.84 15.62 -16.28
N ILE B 221 -3.87 14.72 -16.46
CA ILE B 221 -2.58 14.83 -15.81
C ILE B 221 -1.55 14.87 -16.93
N ALA B 222 -0.50 15.66 -16.75
CA ALA B 222 0.46 15.84 -17.83
C ALA B 222 1.83 16.23 -17.33
N ALA B 223 2.85 15.79 -18.08
CA ALA B 223 4.19 16.33 -17.96
C ALA B 223 4.49 16.99 -19.30
N LEU B 224 4.91 18.24 -19.27
CA LEU B 224 5.06 18.98 -20.52
C LEU B 224 6.14 20.05 -20.42
N GLY B 225 6.59 20.53 -21.57
CA GLY B 225 7.58 21.57 -21.61
C GLY B 225 8.00 21.91 -23.02
N PRO B 226 8.65 23.08 -23.19
CA PRO B 226 9.15 23.49 -24.51
C PRO B 226 10.42 22.73 -24.89
N ASP B 227 10.82 22.85 -26.15
CA ASP B 227 12.06 22.24 -26.63
C ASP B 227 12.14 20.73 -26.45
N GLY B 228 11.03 20.04 -26.69
CA GLY B 228 11.01 18.59 -26.64
C GLY B 228 11.38 17.97 -25.31
N LYS B 229 11.26 18.74 -24.23
CA LYS B 229 11.62 18.24 -22.89
C LYS B 229 10.62 18.70 -21.83
N PRO B 230 10.07 17.76 -21.05
CA PRO B 230 9.12 18.14 -19.99
C PRO B 230 9.84 18.82 -18.83
N SER B 231 9.21 19.85 -18.27
CA SER B 231 9.81 20.52 -17.12
C SER B 231 8.75 20.85 -16.07
N ARG B 232 7.51 20.45 -16.34
CA ARG B 232 6.41 20.77 -15.44
C ARG B 232 5.36 19.69 -15.45
N ILE B 233 4.77 19.44 -14.30
CA ILE B 233 3.59 18.60 -14.21
C ILE B 233 2.38 19.49 -13.98
N VAL B 234 1.31 19.21 -14.71
CA VAL B 234 0.04 19.92 -14.55
C VAL B 234 -1.05 18.89 -14.30
N VAL B 235 -1.91 19.16 -13.32
CA VAL B 235 -3.05 18.32 -13.05
C VAL B 235 -4.31 19.19 -12.98
N ALA B 236 -5.37 18.78 -13.67
CA ALA B 236 -6.63 19.50 -13.62
C ALA B 236 -7.81 18.54 -13.56
N TYR B 237 -8.74 18.82 -12.65
CA TYR B 237 -9.92 17.98 -12.46
C TYR B 237 -11.13 18.85 -12.30
N THR B 238 -12.29 18.35 -12.73
CA THR B 238 -13.55 19.00 -12.44
C THR B 238 -14.63 17.93 -12.31
N THR B 239 -15.61 18.17 -11.43
CA THR B 239 -16.77 17.30 -11.37
C THR B 239 -17.98 18.10 -10.94
N GLY B 240 -19.17 17.65 -11.34
CA GLY B 240 -20.40 18.29 -10.94
C GLY B 240 -21.15 19.04 -12.04
N SER B 241 -20.42 19.51 -13.05
CA SER B 241 -20.99 20.36 -14.09
C SER B 241 -22.01 19.62 -14.95
N GLN B 242 -23.01 20.35 -15.43
CA GLN B 242 -23.98 19.79 -16.37
C GLN B 242 -23.54 20.13 -17.79
N ALA B 243 -22.36 20.73 -17.92
CA ALA B 243 -21.84 21.15 -19.22
C ALA B 243 -21.55 19.96 -20.13
N THR B 244 -21.66 20.19 -21.44
CA THR B 244 -21.31 19.17 -22.42
C THR B 244 -19.83 18.85 -22.35
N MET B 245 -19.46 17.74 -22.95
CA MET B 245 -18.05 17.36 -23.04
C MET B 245 -17.24 18.44 -23.75
N ASP B 246 -17.81 18.96 -24.82
CA ASP B 246 -17.11 19.96 -25.65
C ASP B 246 -16.80 21.20 -24.83
N GLU B 247 -17.73 21.63 -23.98
CA GLU B 247 -17.46 22.81 -23.16
C GLU B 247 -16.41 22.49 -22.10
N ARG B 248 -16.50 21.31 -21.49
CA ARG B 248 -15.50 20.93 -20.50
C ARG B 248 -14.13 20.84 -21.14
N ASN B 249 -14.09 20.32 -22.36
CA ASN B 249 -12.83 20.28 -23.10
C ASN B 249 -12.28 21.69 -23.31
N ARG B 250 -13.12 22.59 -23.80
CA ARG B 250 -12.70 23.96 -24.08
C ARG B 250 -12.20 24.69 -22.85
N GLN B 251 -12.77 24.39 -21.69
CA GLN B 251 -12.33 25.04 -20.45
C GLN B 251 -10.90 24.59 -20.10
N ILE B 252 -10.66 23.29 -20.20
CA ILE B 252 -9.32 22.75 -19.97
C ILE B 252 -8.31 23.35 -20.94
N ALA B 253 -8.72 23.48 -22.22
CA ALA B 253 -7.86 24.09 -23.23
C ALA B 253 -7.56 25.54 -22.93
N GLU B 254 -8.54 26.27 -22.40
CA GLU B 254 -8.34 27.68 -22.07
C GLU B 254 -7.36 27.82 -20.90
N ILE B 255 -7.47 26.95 -19.91
CA ILE B 255 -6.51 26.90 -18.83
C ILE B 255 -5.11 26.60 -19.39
N GLY B 256 -5.03 25.63 -20.30
CA GLY B 256 -3.78 25.28 -20.95
C GLY B 256 -3.18 26.44 -21.73
N ALA B 257 -4.01 27.18 -22.45
CA ALA B 257 -3.55 28.34 -23.19
C ALA B 257 -2.91 29.37 -22.26
N SER B 258 -3.47 29.56 -21.07
CA SER B 258 -2.94 30.53 -20.13
C SER B 258 -1.60 30.03 -19.58
N LEU B 259 -1.57 28.74 -19.24
CA LEU B 259 -0.36 28.07 -18.79
C LEU B 259 0.79 28.26 -19.76
N ILE B 260 0.52 28.08 -21.04
CA ILE B 260 1.55 28.22 -22.07
C ILE B 260 1.91 29.68 -22.26
N LYS B 261 0.90 30.54 -22.26
CA LYS B 261 1.11 31.98 -22.45
C LYS B 261 1.97 32.56 -21.34
N HIS B 262 1.84 32.01 -20.13
CA HIS B 262 2.58 32.52 -18.97
C HIS B 262 3.57 31.52 -18.40
N TRP B 263 4.10 30.67 -19.28
CA TRP B 263 5.06 29.65 -18.90
C TRP B 263 6.24 30.24 -18.12
N HIS C 1 20.91 -30.77 -11.07
CA HIS C 1 20.33 -31.77 -11.96
C HIS C 1 21.07 -31.76 -13.30
N PRO C 2 21.31 -32.95 -13.88
CA PRO C 2 21.97 -33.07 -15.18
C PRO C 2 21.33 -32.21 -16.27
N GLU C 3 19.99 -32.13 -16.28
CA GLU C 3 19.29 -31.34 -17.29
C GLU C 3 19.68 -29.87 -17.24
N THR C 4 20.02 -29.38 -16.04
CA THR C 4 20.39 -27.98 -15.90
C THR C 4 21.73 -27.71 -16.57
N LEU C 5 22.68 -28.63 -16.42
CA LEU C 5 23.97 -28.52 -17.11
C LEU C 5 23.79 -28.55 -18.63
N VAL C 6 22.86 -29.37 -19.12
CA VAL C 6 22.54 -29.37 -20.54
C VAL C 6 22.06 -28.00 -21.01
N LYS C 7 21.20 -27.35 -20.22
CA LYS C 7 20.76 -25.99 -20.53
C LYS C 7 21.91 -25.00 -20.56
N VAL C 8 22.86 -25.18 -19.64
CA VAL C 8 24.06 -24.35 -19.62
C VAL C 8 24.88 -24.56 -20.91
N LYS C 9 25.10 -25.82 -21.26
CA LYS C 9 25.83 -26.13 -22.49
C LYS C 9 25.12 -25.58 -23.73
N ASP C 10 23.81 -25.77 -23.79
CA ASP C 10 23.01 -25.19 -24.86
C ASP C 10 23.14 -23.67 -24.90
N ALA C 11 23.18 -23.03 -23.73
CA ALA C 11 23.37 -21.59 -23.68
C ALA C 11 24.72 -21.19 -24.27
N GLU C 12 25.74 -22.01 -24.03
CA GLU C 12 27.06 -21.76 -24.60
C GLU C 12 27.02 -21.85 -26.12
N ASP C 13 26.28 -22.82 -26.62
CA ASP C 13 26.18 -23.05 -28.05
C ASP C 13 25.46 -21.87 -28.70
N GLN C 14 24.37 -21.46 -28.08
CA GLN C 14 23.53 -20.42 -28.68
C GLN C 14 24.09 -19.02 -28.53
N LEU C 15 24.84 -18.78 -27.46
CA LEU C 15 25.49 -17.49 -27.25
C LEU C 15 26.84 -17.40 -27.95
N GLY C 16 27.42 -18.55 -28.29
CA GLY C 16 28.77 -18.60 -28.80
C GLY C 16 29.75 -18.01 -27.79
N ALA C 17 29.62 -18.41 -26.53
CA ALA C 17 30.47 -17.86 -25.47
C ALA C 17 30.51 -18.78 -24.27
N ARG C 18 31.54 -18.61 -23.44
CA ARG C 18 31.66 -19.37 -22.20
C ARG C 18 30.61 -18.97 -21.19
N VAL C 19 30.11 -19.97 -20.46
CA VAL C 19 29.18 -19.76 -19.37
C VAL C 19 29.76 -20.48 -18.17
N GLY C 20 29.75 -19.83 -17.02
CA GLY C 20 30.19 -20.48 -15.78
C GLY C 20 28.99 -20.58 -14.85
N TYR C 21 28.87 -21.68 -14.13
CA TYR C 21 27.66 -21.94 -13.36
C TYR C 21 27.93 -22.73 -12.09
N ILE C 22 27.35 -22.28 -10.98
CA ILE C 22 27.43 -23.02 -9.72
C ILE C 22 26.08 -23.04 -9.02
N GLU C 23 25.68 -24.20 -8.51
CA GLU C 23 24.59 -24.31 -7.55
C GLU C 23 25.20 -24.82 -6.27
N LEU C 24 24.85 -24.18 -5.16
CA LEU C 24 25.49 -24.47 -3.90
C LEU C 24 24.40 -24.57 -2.83
N ASP C 25 24.39 -25.64 -2.05
CA ASP C 25 23.43 -25.73 -0.96
C ASP C 25 23.81 -24.75 0.15
N LEU C 26 22.85 -23.92 0.54
CA LEU C 26 23.11 -22.83 1.46
C LEU C 26 23.45 -23.35 2.86
N ASN C 27 22.73 -24.37 3.29
CA ASN C 27 22.94 -24.95 4.61
C ASN C 27 24.23 -25.77 4.67
N SER C 28 24.35 -26.76 3.79
CA SER C 28 25.48 -27.69 3.84
C SER C 28 26.75 -27.14 3.19
N GLY C 29 26.59 -26.16 2.30
CA GLY C 29 27.73 -25.67 1.56
C GLY C 29 28.15 -26.59 0.42
N LYS C 30 27.52 -27.75 0.32
CA LYS C 30 27.87 -28.71 -0.72
C LYS C 30 27.54 -28.17 -2.10
N ILE C 31 28.41 -28.41 -3.09
CA ILE C 31 28.14 -27.99 -4.45
C ILE C 31 27.29 -29.05 -5.14
N LEU C 32 26.14 -28.64 -5.66
CA LEU C 32 25.18 -29.55 -6.26
C LEU C 32 25.42 -29.69 -7.75
N GLU C 33 25.83 -28.60 -8.39
CA GLU C 33 26.15 -28.59 -9.81
C GLU C 33 27.23 -27.54 -10.09
N SER C 34 28.07 -27.80 -11.08
CA SER C 34 29.05 -26.79 -11.48
C SER C 34 29.46 -26.94 -12.93
N PHE C 35 29.85 -25.82 -13.51
CA PHE C 35 30.27 -25.76 -14.89
C PHE C 35 31.27 -24.63 -15.04
N ARG C 36 32.46 -24.95 -15.54
CA ARG C 36 33.58 -24.02 -15.56
C ARG C 36 33.81 -23.32 -14.21
N PRO C 37 33.79 -24.08 -13.10
CA PRO C 37 33.83 -23.42 -11.80
C PRO C 37 35.16 -22.73 -11.52
N GLU C 38 36.24 -23.14 -12.19
CA GLU C 38 37.55 -22.58 -11.90
C GLU C 38 38.01 -21.60 -12.99
N GLU C 39 37.10 -21.19 -13.87
CA GLU C 39 37.43 -20.20 -14.90
C GLU C 39 37.03 -18.80 -14.44
N ARG C 40 37.78 -17.80 -14.91
CA ARG C 40 37.50 -16.42 -14.53
C ARG C 40 36.49 -15.77 -15.44
N PHE C 41 35.64 -14.94 -14.84
CA PHE C 41 34.67 -14.11 -15.56
C PHE C 41 34.64 -12.75 -14.91
N PRO C 42 34.39 -11.69 -15.69
CA PRO C 42 34.19 -10.33 -15.14
C PRO C 42 33.04 -10.31 -14.14
N MET C 43 33.24 -9.70 -12.98
CA MET C 43 32.18 -9.63 -11.98
C MET C 43 31.10 -8.65 -12.35
N MET C 44 31.48 -7.59 -13.06
CA MET C 44 30.59 -6.46 -13.31
C MET C 44 29.97 -6.03 -11.99
N SER C 45 28.71 -5.59 -12.01
CA SER C 45 28.09 -5.07 -10.81
C SER C 45 27.84 -6.10 -9.71
N THR C 46 28.11 -7.38 -9.98
CA THR C 46 27.94 -8.38 -8.92
C THR C 46 28.93 -8.12 -7.79
N PHE C 47 29.99 -7.36 -8.08
CA PHE C 47 30.97 -7.03 -7.04
C PHE C 47 30.36 -6.14 -5.96
N LYS C 48 29.27 -5.45 -6.29
CA LYS C 48 28.67 -4.52 -5.34
C LYS C 48 28.16 -5.21 -4.06
N VAL C 49 27.79 -6.49 -4.15
CA VAL C 49 27.42 -7.25 -2.95
C VAL C 49 28.64 -7.47 -2.06
N LEU C 50 29.77 -7.81 -2.67
CA LEU C 50 31.00 -8.03 -1.91
C LEU C 50 31.47 -6.73 -1.26
N LEU C 51 31.33 -5.63 -2.01
CA LEU C 51 31.70 -4.31 -1.53
C LEU C 51 30.93 -3.95 -0.27
N CYS C 52 29.62 -4.16 -0.29
CA CYS C 52 28.82 -3.85 0.89
C CYS C 52 29.03 -4.87 2.01
N GLY C 53 29.53 -6.05 1.67
CA GLY C 53 29.98 -6.97 2.68
C GLY C 53 31.17 -6.40 3.43
N ALA C 54 32.10 -5.81 2.69
CA ALA C 54 33.30 -5.19 3.28
C ALA C 54 32.92 -4.00 4.13
N VAL C 55 31.97 -3.21 3.64
CA VAL C 55 31.48 -2.06 4.40
C VAL C 55 30.82 -2.53 5.69
N LEU C 56 29.97 -3.55 5.61
CA LEU C 56 29.33 -4.07 6.82
C LEU C 56 30.31 -4.66 7.82
N SER C 57 31.40 -5.26 7.33
CA SER C 57 32.40 -5.79 8.25
C SER C 57 33.02 -4.65 9.05
N ARG C 58 33.17 -3.49 8.39
CA ARG C 58 33.70 -2.30 9.05
C ARG C 58 32.68 -1.74 10.05
N VAL C 59 31.39 -1.84 9.71
CA VAL C 59 30.34 -1.40 10.62
C VAL C 59 30.37 -2.25 11.88
N ASP C 60 30.49 -3.57 11.72
CA ASP C 60 30.58 -4.47 12.87
C ASP C 60 31.74 -4.07 13.80
N ALA C 61 32.88 -3.73 13.20
CA ALA C 61 34.08 -3.39 13.93
C ALA C 61 34.05 -1.96 14.47
N GLY C 62 33.06 -1.19 14.04
CA GLY C 62 32.89 0.17 14.51
C GLY C 62 33.74 1.18 13.76
N GLN C 63 34.33 0.75 12.66
CA GLN C 63 35.15 1.63 11.85
C GLN C 63 34.26 2.41 10.90
N GLU C 64 33.03 1.95 10.77
CA GLU C 64 32.04 2.57 9.90
C GLU C 64 30.70 2.58 10.63
N GLN C 65 29.82 3.50 10.27
CA GLN C 65 28.45 3.52 10.80
C GLN C 65 27.48 3.70 9.64
N LEU C 66 26.43 2.88 9.62
CA LEU C 66 25.49 2.91 8.49
C LEU C 66 24.82 4.28 8.34
N GLY C 67 24.73 5.01 9.44
CA GLY C 67 24.06 6.30 9.44
C GLY C 67 24.97 7.47 9.13
N ARG C 68 26.25 7.20 8.89
CA ARG C 68 27.18 8.27 8.53
C ARG C 68 26.80 8.88 7.19
N ARG C 69 26.75 10.21 7.15
CA ARG C 69 26.39 10.91 5.92
C ARG C 69 27.61 11.29 5.11
N ILE C 70 27.60 10.95 3.83
CA ILE C 70 28.68 11.28 2.93
C ILE C 70 28.23 12.31 1.91
N HIS C 71 29.02 13.39 1.81
CA HIS C 71 28.75 14.46 0.87
C HIS C 71 29.68 14.30 -0.33
N TYR C 72 29.20 14.64 -1.51
CA TYR C 72 30.00 14.50 -2.71
C TYR C 72 29.59 15.56 -3.74
N SER C 73 30.27 15.58 -4.88
CA SER C 73 30.08 16.64 -5.87
C SER C 73 29.79 16.12 -7.27
N GLN C 74 29.61 17.06 -8.19
CA GLN C 74 29.34 16.75 -9.58
C GLN C 74 30.44 15.88 -10.19
N ASN C 75 31.69 16.22 -9.89
CA ASN C 75 32.83 15.50 -10.46
C ASN C 75 32.91 14.03 -10.00
N ASP C 76 32.13 13.68 -8.98
CA ASP C 76 32.08 12.30 -8.51
C ASP C 76 31.12 11.43 -9.34
N LEU C 77 30.17 12.07 -10.01
CA LEU C 77 29.12 11.34 -10.72
C LEU C 77 29.58 10.71 -12.04
N VAL C 78 29.64 9.39 -12.07
CA VAL C 78 29.98 8.68 -13.30
C VAL C 78 28.69 8.26 -13.99
N GLU C 79 28.82 7.61 -15.13
CA GLU C 79 27.67 7.15 -15.90
C GLU C 79 26.82 6.20 -15.07
N TYR C 80 25.51 6.29 -15.28
CA TYR C 80 24.51 5.51 -14.56
C TYR C 80 24.57 5.66 -13.03
N SER C 81 24.06 6.79 -12.55
CA SER C 81 23.96 7.07 -11.14
C SER C 81 22.56 7.57 -10.80
N PRO C 82 21.55 6.70 -10.96
CA PRO C 82 20.14 7.12 -10.87
C PRO C 82 19.74 7.62 -9.49
N VAL C 83 20.39 7.15 -8.42
CA VAL C 83 20.06 7.63 -7.09
C VAL C 83 21.00 8.76 -6.65
N THR C 84 22.31 8.54 -6.78
CA THR C 84 23.27 9.52 -6.27
C THR C 84 23.17 10.87 -6.95
N GLU C 85 22.73 10.90 -8.21
CA GLU C 85 22.61 12.17 -8.91
C GLU C 85 21.53 13.06 -8.30
N LYS C 86 20.65 12.48 -7.50
CA LYS C 86 19.57 13.21 -6.86
C LYS C 86 19.96 13.80 -5.50
N HIS C 87 21.14 13.47 -4.98
CA HIS C 87 21.50 13.88 -3.63
C HIS C 87 22.81 14.66 -3.51
N LEU C 88 23.09 15.51 -4.50
CA LEU C 88 24.29 16.34 -4.46
C LEU C 88 24.23 17.33 -3.29
N THR C 89 23.03 17.81 -2.99
CA THR C 89 22.86 18.82 -1.95
C THR C 89 22.90 18.25 -0.53
N ASP C 90 22.14 17.18 -0.31
CA ASP C 90 21.96 16.64 1.03
C ASP C 90 22.92 15.50 1.36
N GLY C 91 23.57 14.93 0.35
CA GLY C 91 24.42 13.77 0.53
C GLY C 91 23.62 12.51 0.80
N MET C 92 24.32 11.41 1.06
CA MET C 92 23.67 10.13 1.35
C MET C 92 24.38 9.44 2.51
N THR C 93 23.61 8.69 3.29
CA THR C 93 24.19 7.87 4.34
C THR C 93 24.82 6.62 3.72
N VAL C 94 25.69 5.98 4.47
CA VAL C 94 26.34 4.76 4.04
C VAL C 94 25.29 3.68 3.69
N ARG C 95 24.27 3.59 4.53
CA ARG C 95 23.14 2.69 4.31
C ARG C 95 22.47 2.98 2.97
N GLU C 96 22.23 4.27 2.70
CA GLU C 96 21.62 4.68 1.44
C GLU C 96 22.49 4.35 0.23
N LEU C 97 23.80 4.52 0.40
CA LEU C 97 24.73 4.22 -0.68
C LEU C 97 24.75 2.74 -1.00
N CYS C 98 24.76 1.89 0.03
CA CYS C 98 24.69 0.45 -0.20
C CYS C 98 23.37 0.03 -0.81
N SER C 99 22.28 0.65 -0.36
CA SER C 99 20.99 0.35 -0.94
C SER C 99 20.98 0.74 -2.43
N ALA C 100 21.55 1.90 -2.75
CA ALA C 100 21.61 2.37 -4.14
C ALA C 100 22.49 1.46 -5.00
N ALA C 101 23.64 1.08 -4.45
CA ALA C 101 24.58 0.21 -5.16
C ALA C 101 23.99 -1.15 -5.46
N ILE C 102 23.33 -1.75 -4.47
CA ILE C 102 22.80 -3.10 -4.63
C ILE C 102 21.43 -3.16 -5.33
N THR C 103 20.50 -2.31 -4.93
CA THR C 103 19.14 -2.41 -5.46
C THR C 103 18.98 -1.74 -6.83
N MET C 104 19.83 -0.76 -7.12
CA MET C 104 19.75 -0.01 -8.39
C MET C 104 21.03 -0.05 -9.22
N SER C 105 22.08 -0.68 -8.68
CA SER C 105 23.36 -0.76 -9.37
C SER C 105 24.02 0.60 -9.61
N ASP C 106 23.74 1.55 -8.73
CA ASP C 106 24.24 2.91 -8.84
C ASP C 106 25.76 2.92 -8.82
N ASN C 107 26.35 3.39 -9.91
CA ASN C 107 27.81 3.36 -10.07
C ASN C 107 28.55 4.33 -9.16
N THR C 108 28.06 5.55 -9.04
CA THR C 108 28.70 6.51 -8.14
C THR C 108 28.60 6.05 -6.69
N ALA C 109 27.47 5.45 -6.31
CA ALA C 109 27.33 4.87 -4.97
C ALA C 109 28.46 3.88 -4.69
N ALA C 110 28.74 2.99 -5.63
CA ALA C 110 29.79 2.01 -5.46
C ALA C 110 31.17 2.70 -5.33
N ASN C 111 31.44 3.71 -6.15
CA ASN C 111 32.71 4.41 -6.04
C ASN C 111 32.88 5.08 -4.67
N LEU C 112 31.83 5.76 -4.22
CA LEU C 112 31.87 6.40 -2.90
C LEU C 112 32.13 5.39 -1.79
N LEU C 113 31.46 4.24 -1.86
CA LEU C 113 31.69 3.16 -0.91
C LEU C 113 33.11 2.62 -1.01
N LEU C 114 33.62 2.47 -2.22
CA LEU C 114 35.00 2.02 -2.40
C LEU C 114 35.99 2.98 -1.74
N THR C 115 35.74 4.28 -1.84
CA THR C 115 36.60 5.25 -1.17
C THR C 115 36.64 5.04 0.35
N THR C 116 35.48 4.72 0.94
CA THR C 116 35.41 4.53 2.38
C THR C 116 36.27 3.38 2.87
N ILE C 117 36.45 2.34 2.04
CA ILE C 117 37.23 1.18 2.46
C ILE C 117 38.68 1.20 2.01
N GLY C 118 39.02 2.13 1.11
CA GLY C 118 40.38 2.25 0.64
C GLY C 118 40.59 1.76 -0.78
N GLY C 119 39.50 1.68 -1.54
CA GLY C 119 39.58 1.35 -2.95
C GLY C 119 39.52 -0.14 -3.29
N PRO C 120 39.54 -0.46 -4.58
CA PRO C 120 39.47 -1.85 -5.05
C PRO C 120 40.53 -2.75 -4.44
N LYS C 121 41.73 -2.21 -4.22
CA LYS C 121 42.80 -2.96 -3.56
C LYS C 121 42.41 -3.45 -2.17
N GLU C 122 41.63 -2.64 -1.46
CA GLU C 122 41.18 -3.00 -0.13
C GLU C 122 39.97 -3.93 -0.14
N LEU C 123 39.14 -3.85 -1.18
CA LEU C 123 38.08 -4.86 -1.34
C LEU C 123 38.71 -6.22 -1.58
N THR C 124 39.74 -6.24 -2.42
CA THR C 124 40.44 -7.48 -2.69
C THR C 124 41.14 -7.99 -1.43
N ALA C 125 41.70 -7.07 -0.65
CA ALA C 125 42.34 -7.46 0.61
C ALA C 125 41.32 -8.05 1.57
N PHE C 126 40.14 -7.43 1.65
CA PHE C 126 39.06 -7.98 2.47
C PHE C 126 38.71 -9.42 2.04
N LEU C 127 38.53 -9.62 0.75
CA LEU C 127 38.21 -10.94 0.21
C LEU C 127 39.30 -11.96 0.53
N HIS C 128 40.56 -11.56 0.34
CA HIS C 128 41.71 -12.39 0.64
C HIS C 128 41.64 -12.85 2.08
N ASN C 129 41.35 -11.91 2.98
CA ASN C 129 41.34 -12.20 4.41
C ASN C 129 40.19 -13.11 4.83
N MET C 130 39.14 -13.17 4.03
CA MET C 130 38.05 -14.09 4.33
C MET C 130 38.22 -15.41 3.57
N GLY C 131 39.39 -15.63 3.01
CA GLY C 131 39.72 -16.92 2.44
C GLY C 131 39.45 -17.08 0.95
N ASP C 132 39.12 -15.97 0.29
CA ASP C 132 38.94 -15.98 -1.15
C ASP C 132 40.17 -15.35 -1.79
N HIS C 133 41.10 -16.19 -2.24
CA HIS C 133 42.35 -15.70 -2.83
C HIS C 133 42.27 -15.67 -4.34
N VAL C 134 41.05 -15.73 -4.85
CA VAL C 134 40.78 -15.83 -6.28
C VAL C 134 40.19 -14.53 -6.85
N THR C 135 39.11 -14.07 -6.23
CA THR C 135 38.39 -12.89 -6.68
C THR C 135 39.24 -11.63 -6.52
N ARG C 136 39.19 -10.75 -7.51
CA ARG C 136 40.00 -9.53 -7.46
C ARG C 136 39.28 -8.33 -8.06
N LEU C 137 39.32 -7.20 -7.35
CA LEU C 137 38.86 -5.94 -7.93
C LEU C 137 40.05 -5.02 -8.12
N ASP C 138 40.12 -4.42 -9.30
CA ASP C 138 41.29 -3.63 -9.66
C ASP C 138 40.91 -2.21 -10.05
N ARG C 139 39.74 -2.05 -10.64
CA ARG C 139 39.35 -0.75 -11.14
C ARG C 139 38.07 -0.23 -10.51
N TRP C 140 37.70 1.00 -10.86
CA TRP C 140 36.50 1.62 -10.32
C TRP C 140 35.42 1.59 -11.38
N GLU C 141 34.22 2.06 -11.06
CA GLU C 141 33.18 2.22 -12.06
C GLU C 141 33.50 3.47 -12.87
N PRO C 142 33.31 3.40 -14.19
CA PRO C 142 32.76 2.26 -14.94
C PRO C 142 33.81 1.34 -15.60
N GLU C 143 35.10 1.68 -15.50
CA GLU C 143 36.15 0.92 -16.20
C GLU C 143 36.20 -0.57 -15.85
N LEU C 144 35.68 -0.96 -14.69
CA LEU C 144 35.78 -2.36 -14.27
C LEU C 144 34.93 -3.31 -15.14
N ASN C 145 34.10 -2.75 -16.01
CA ASN C 145 33.22 -3.54 -16.88
C ASN C 145 33.78 -3.82 -18.26
N GLU C 146 35.04 -3.45 -18.50
CA GLU C 146 35.61 -3.50 -19.84
C GLU C 146 35.66 -4.91 -20.43
N ALA C 147 35.89 -5.90 -19.56
CA ALA C 147 35.88 -7.31 -19.95
C ALA C 147 36.77 -7.66 -21.14
N ILE C 148 37.97 -7.08 -21.19
CA ILE C 148 38.95 -7.43 -22.21
C ILE C 148 39.25 -8.92 -22.16
N PRO C 149 39.22 -9.59 -23.32
CA PRO C 149 39.52 -11.03 -23.37
C PRO C 149 40.83 -11.39 -22.65
N ASN C 150 40.74 -12.37 -21.75
CA ASN C 150 41.88 -12.88 -20.99
C ASN C 150 42.50 -11.90 -19.99
N ASP C 151 41.84 -10.77 -19.76
CA ASP C 151 42.23 -9.83 -18.73
C ASP C 151 41.73 -10.42 -17.41
N GLU C 152 42.59 -10.48 -16.40
CA GLU C 152 42.15 -11.05 -15.12
C GLU C 152 41.65 -10.00 -14.14
N ARG C 153 41.80 -8.73 -14.49
CA ARG C 153 41.32 -7.65 -13.63
C ARG C 153 39.82 -7.75 -13.44
N ASP C 154 39.38 -7.46 -12.21
CA ASP C 154 37.95 -7.34 -11.92
C ASP C 154 37.19 -8.62 -12.24
N THR C 155 37.81 -9.77 -11.98
CA THR C 155 37.19 -11.07 -12.25
C THR C 155 37.02 -11.91 -10.99
N THR C 156 36.11 -12.88 -11.08
CA THR C 156 35.97 -13.92 -10.07
C THR C 156 35.88 -15.24 -10.82
N THR C 157 35.79 -16.36 -10.11
CA THR C 157 35.39 -17.61 -10.73
C THR C 157 34.02 -17.94 -10.18
N PRO C 158 33.23 -18.78 -10.88
CA PRO C 158 31.92 -19.08 -10.30
C PRO C 158 32.00 -19.70 -8.91
N ALA C 159 32.98 -20.58 -8.68
CA ALA C 159 33.07 -21.27 -7.41
C ALA C 159 33.54 -20.33 -6.30
N ALA C 160 34.48 -19.45 -6.63
CA ALA C 160 34.96 -18.48 -5.64
C ALA C 160 33.81 -17.56 -5.24
N MET C 161 33.11 -17.02 -6.22
CA MET C 161 32.00 -16.12 -5.94
C MET C 161 30.90 -16.79 -5.12
N ALA C 162 30.54 -18.03 -5.47
CA ALA C 162 29.45 -18.72 -4.80
C ALA C 162 29.79 -18.97 -3.33
N THR C 163 31.03 -19.39 -3.07
CA THR C 163 31.43 -19.69 -1.69
C THR C 163 31.66 -18.42 -0.88
N THR C 164 32.17 -17.38 -1.52
CA THR C 164 32.32 -16.09 -0.85
C THR C 164 30.96 -15.51 -0.45
N LEU C 165 30.00 -15.56 -1.37
CA LEU C 165 28.64 -15.11 -1.07
C LEU C 165 28.05 -15.89 0.10
N ARG C 166 28.25 -17.20 0.10
CA ARG C 166 27.72 -18.04 1.18
C ARG C 166 28.33 -17.63 2.52
N LYS C 167 29.64 -17.41 2.55
CA LYS C 167 30.29 -16.96 3.77
C LYS C 167 29.73 -15.62 4.23
N LEU C 168 29.50 -14.71 3.28
CA LEU C 168 28.94 -13.40 3.62
C LEU C 168 27.53 -13.48 4.21
N LEU C 169 26.68 -14.30 3.60
CA LEU C 169 25.28 -14.36 3.99
C LEU C 169 25.01 -15.23 5.21
N THR C 170 25.82 -16.26 5.40
CA THR C 170 25.51 -17.27 6.42
C THR C 170 26.69 -17.67 7.29
N GLY C 171 27.89 -17.19 6.94
CA GLY C 171 29.10 -17.60 7.64
C GLY C 171 29.40 -16.81 8.90
N GLU C 172 30.54 -17.09 9.53
CA GLU C 172 30.87 -16.48 10.81
C GLU C 172 31.43 -15.06 10.70
N LEU C 173 31.55 -14.58 9.48
CA LEU C 173 32.18 -13.29 9.21
C LEU C 173 31.41 -12.11 9.80
N LEU C 174 30.20 -11.87 9.30
CA LEU C 174 29.40 -10.72 9.73
C LEU C 174 28.50 -11.06 10.91
N THR C 175 28.14 -10.03 11.68
CA THR C 175 27.16 -10.18 12.74
C THR C 175 25.84 -10.60 12.14
N LEU C 176 24.93 -11.12 12.98
CA LEU C 176 23.62 -11.53 12.49
C LEU C 176 22.90 -10.34 11.86
N ALA C 177 23.00 -9.16 12.48
CA ALA C 177 22.35 -7.97 11.93
C ALA C 177 22.90 -7.60 10.55
N SER C 178 24.22 -7.72 10.39
CA SER C 178 24.83 -7.37 9.11
C SER C 178 24.52 -8.38 8.00
N ARG C 179 24.46 -9.66 8.35
CA ARG C 179 24.05 -10.69 7.40
C ARG C 179 22.66 -10.37 6.89
N GLN C 180 21.77 -10.04 7.82
CA GLN C 180 20.38 -9.75 7.47
C GLN C 180 20.27 -8.51 6.59
N GLN C 181 21.04 -7.47 6.91
CA GLN C 181 21.01 -6.24 6.11
C GLN C 181 21.47 -6.49 4.68
N LEU C 182 22.55 -7.26 4.53
CA LEU C 182 23.07 -7.55 3.20
C LEU C 182 22.04 -8.30 2.36
N ILE C 183 21.40 -9.33 2.94
CA ILE C 183 20.39 -10.10 2.26
C ILE C 183 19.14 -9.25 1.96
N ASP C 184 18.84 -8.34 2.85
CA ASP C 184 17.68 -7.47 2.63
C ASP C 184 17.87 -6.56 1.43
N TRP C 185 19.08 -6.01 1.29
CA TRP C 185 19.39 -5.19 0.13
C TRP C 185 19.27 -6.01 -1.14
N MET C 186 19.82 -7.22 -1.12
CA MET C 186 19.76 -8.10 -2.28
C MET C 186 18.32 -8.47 -2.62
N GLU C 187 17.51 -8.70 -1.59
CA GLU C 187 16.10 -9.06 -1.83
C GLU C 187 15.38 -7.93 -2.56
N ALA C 188 15.80 -6.69 -2.28
CA ALA C 188 15.18 -5.49 -2.84
C ALA C 188 15.74 -5.07 -4.20
N ASP C 189 16.50 -5.96 -4.83
CA ASP C 189 17.10 -5.70 -6.15
C ASP C 189 16.03 -5.34 -7.20
N LYS C 190 16.21 -4.22 -7.89
CA LYS C 190 15.20 -3.76 -8.84
C LYS C 190 15.63 -3.86 -10.30
N VAL C 191 16.87 -4.28 -10.53
CA VAL C 191 17.42 -4.24 -11.88
C VAL C 191 17.82 -5.62 -12.41
N ALA C 192 17.18 -6.66 -11.88
CA ALA C 192 17.43 -8.03 -12.33
C ALA C 192 16.13 -8.72 -12.72
N GLY C 193 15.12 -7.93 -13.03
CA GLY C 193 13.81 -8.45 -13.39
C GLY C 193 13.73 -9.55 -14.43
N PRO C 194 14.43 -9.41 -15.57
CA PRO C 194 14.24 -10.44 -16.59
C PRO C 194 15.09 -11.70 -16.40
N LEU C 195 15.82 -11.78 -15.29
CA LEU C 195 16.77 -12.87 -15.12
C LEU C 195 16.16 -14.02 -14.32
N LEU C 196 16.92 -14.40 -13.27
CA LEU C 196 16.34 -15.45 -12.46
CA LEU C 196 16.36 -15.52 -12.42
C LEU C 196 14.84 -15.36 -11.88
N ARG C 197 14.64 -14.05 -11.51
CA ARG C 197 13.31 -13.68 -11.02
C ARG C 197 12.19 -14.08 -11.96
N SER C 198 12.43 -14.00 -13.26
CA SER C 198 11.40 -14.27 -14.25
C SER C 198 10.99 -15.74 -14.28
N ALA C 199 11.83 -16.61 -13.73
CA ALA C 199 11.53 -18.04 -13.77
C ALA C 199 10.97 -18.57 -12.45
N LEU C 200 10.74 -17.68 -11.49
CA LEU C 200 10.30 -18.09 -10.14
C LEU C 200 8.80 -18.21 -10.00
N PRO C 201 8.35 -19.33 -9.45
CA PRO C 201 6.93 -19.47 -9.10
C PRO C 201 6.62 -18.57 -7.90
N ALA C 202 5.35 -18.22 -7.73
CA ALA C 202 4.94 -17.34 -6.63
C ALA C 202 5.38 -17.90 -5.29
N GLY C 203 5.66 -17.00 -4.35
CA GLY C 203 5.95 -17.41 -2.98
C GLY C 203 7.42 -17.70 -2.73
N TRP C 204 8.21 -17.73 -3.79
CA TRP C 204 9.63 -18.01 -3.65
C TRP C 204 10.38 -16.81 -3.07
N PHE C 205 11.41 -17.09 -2.30
CA PHE C 205 12.33 -16.06 -1.85
C PHE C 205 13.45 -15.94 -2.87
N ILE C 206 13.83 -14.71 -3.19
CA ILE C 206 15.05 -14.47 -3.95
C ILE C 206 15.74 -13.19 -3.50
N ALA C 207 17.05 -13.30 -3.33
CA ALA C 207 17.91 -12.18 -3.04
C ALA C 207 19.03 -12.27 -4.04
N ASP C 208 19.18 -11.26 -4.88
CA ASP C 208 20.16 -11.39 -5.96
C ASP C 208 20.86 -10.10 -6.33
N LYS C 209 21.83 -10.23 -7.22
CA LYS C 209 22.52 -9.09 -7.81
C LYS C 209 23.01 -9.46 -9.19
N SER C 210 22.68 -8.63 -10.17
CA SER C 210 23.03 -8.91 -11.54
C SER C 210 24.11 -7.96 -12.02
N GLY C 211 24.69 -8.29 -13.17
CA GLY C 211 25.65 -7.42 -13.81
C GLY C 211 25.63 -7.59 -15.31
N ALA C 212 26.00 -6.51 -16.01
CA ALA C 212 26.25 -6.58 -17.43
C ALA C 212 27.49 -5.74 -17.68
N GLY C 213 28.22 -6.08 -18.73
CA GLY C 213 29.42 -5.32 -19.07
C GLY C 213 29.71 -5.42 -20.55
N GLU C 214 30.89 -4.97 -20.95
CA GLU C 214 31.25 -4.97 -22.36
C GLU C 214 31.42 -6.39 -22.89
N ARG C 215 31.43 -6.51 -24.21
CA ARG C 215 31.78 -7.76 -24.88
C ARG C 215 30.88 -8.91 -24.46
N GLY C 216 29.61 -8.60 -24.27
CA GLY C 216 28.61 -9.62 -24.00
C GLY C 216 28.58 -10.14 -22.58
N SER C 217 29.29 -9.49 -21.67
CA SER C 217 29.36 -9.97 -20.30
CA SER C 217 29.35 -10.00 -20.30
C SER C 217 28.03 -9.79 -19.59
N ARG C 218 27.59 -10.82 -18.87
CA ARG C 218 26.34 -10.82 -18.15
C ARG C 218 26.49 -11.80 -16.99
N GLY C 219 25.90 -11.48 -15.85
CA GLY C 219 26.04 -12.35 -14.69
C GLY C 219 24.98 -12.12 -13.63
N ILE C 220 24.89 -13.07 -12.71
CA ILE C 220 23.95 -12.97 -11.60
C ILE C 220 24.41 -13.86 -10.46
N ILE C 221 24.25 -13.36 -9.24
CA ILE C 221 24.47 -14.16 -8.05
C ILE C 221 23.19 -14.09 -7.24
N ALA C 222 22.81 -15.18 -6.60
CA ALA C 222 21.52 -15.24 -5.93
C ALA C 222 21.46 -16.27 -4.82
N ALA C 223 20.70 -15.94 -3.78
CA ALA C 223 20.25 -16.91 -2.80
C ALA C 223 18.73 -16.99 -2.96
N LEU C 224 18.20 -18.19 -3.13
CA LEU C 224 16.79 -18.34 -3.42
C LEU C 224 16.24 -19.67 -2.92
N GLY C 225 14.92 -19.78 -2.91
CA GLY C 225 14.26 -21.00 -2.45
C GLY C 225 12.77 -20.85 -2.33
N PRO C 226 12.05 -21.98 -2.32
CA PRO C 226 10.58 -21.97 -2.26
C PRO C 226 10.09 -21.60 -0.86
N ASP C 227 8.80 -21.33 -0.76
CA ASP C 227 8.16 -21.08 0.53
C ASP C 227 8.83 -19.97 1.35
N GLY C 228 9.29 -18.93 0.66
CA GLY C 228 9.79 -17.74 1.32
C GLY C 228 11.09 -17.86 2.08
N LYS C 229 11.83 -18.94 1.85
CA LYS C 229 13.13 -19.14 2.52
C LYS C 229 14.21 -19.51 1.52
N PRO C 230 15.36 -18.84 1.60
CA PRO C 230 16.50 -19.19 0.73
C PRO C 230 17.14 -20.50 1.18
N SER C 231 17.43 -21.39 0.24
CA SER C 231 18.06 -22.65 0.56
C SER C 231 19.22 -22.99 -0.38
N ARG C 232 19.37 -22.22 -1.46
CA ARG C 232 20.49 -22.44 -2.37
C ARG C 232 21.11 -21.13 -2.86
N ILE C 233 22.40 -21.21 -3.19
CA ILE C 233 23.07 -20.12 -3.84
C ILE C 233 23.34 -20.50 -5.28
N VAL C 234 23.08 -19.58 -6.20
CA VAL C 234 23.27 -19.82 -7.63
C VAL C 234 24.11 -18.69 -8.21
N VAL C 235 25.10 -19.07 -9.00
CA VAL C 235 25.94 -18.10 -9.68
C VAL C 235 26.01 -18.47 -11.16
N ALA C 236 25.82 -17.47 -12.02
CA ALA C 236 25.94 -17.69 -13.45
C ALA C 236 26.62 -16.49 -14.09
N TYR C 237 27.62 -16.75 -14.92
CA TYR C 237 28.35 -15.69 -15.62
C TYR C 237 28.53 -16.09 -17.07
N THR C 238 28.62 -15.10 -17.94
CA THR C 238 29.01 -15.35 -19.32
C THR C 238 29.73 -14.15 -19.85
N THR C 239 30.66 -14.36 -20.78
CA THR C 239 31.34 -13.24 -21.40
C THR C 239 31.79 -13.67 -22.79
N GLY C 240 31.90 -12.71 -23.70
CA GLY C 240 32.39 -13.00 -25.05
C GLY C 240 31.32 -13.01 -26.13
N SER C 241 30.07 -13.25 -25.75
CA SER C 241 28.99 -13.34 -26.73
C SER C 241 28.74 -12.03 -27.48
N GLN C 242 28.34 -12.14 -28.75
CA GLN C 242 27.89 -10.98 -29.49
C GLN C 242 26.39 -10.83 -29.40
N ALA C 243 25.75 -11.70 -28.62
CA ALA C 243 24.30 -11.69 -28.47
C ALA C 243 23.77 -10.39 -27.87
N THR C 244 22.50 -10.11 -28.13
CA THR C 244 21.86 -8.93 -27.55
C THR C 244 21.62 -9.13 -26.06
N MET C 245 21.33 -8.03 -25.36
CA MET C 245 21.04 -8.12 -23.93
C MET C 245 19.85 -9.03 -23.71
N ASP C 246 18.83 -8.89 -24.56
CA ASP C 246 17.61 -9.68 -24.43
C ASP C 246 17.89 -11.16 -24.55
N GLU C 247 18.73 -11.54 -25.51
CA GLU C 247 19.07 -12.96 -25.66
C GLU C 247 19.85 -13.45 -24.44
N ARG C 248 20.82 -12.67 -24.00
CA ARG C 248 21.57 -13.05 -22.82
C ARG C 248 20.68 -13.16 -21.59
N ASN C 249 19.70 -12.27 -21.46
CA ASN C 249 18.73 -12.37 -20.37
C ASN C 249 17.96 -13.68 -20.44
N ARG C 250 17.51 -14.03 -21.64
CA ARG C 250 16.68 -15.22 -21.83
C ARG C 250 17.43 -16.52 -21.53
N GLN C 251 18.72 -16.56 -21.86
CA GLN C 251 19.53 -17.74 -21.55
C GLN C 251 19.64 -17.94 -20.05
N ILE C 252 19.94 -16.85 -19.34
CA ILE C 252 20.00 -16.89 -17.89
C ILE C 252 18.64 -17.30 -17.34
N ALA C 253 17.58 -16.75 -17.92
CA ALA C 253 16.22 -17.10 -17.54
C ALA C 253 15.90 -18.58 -17.77
N GLU C 254 16.32 -19.11 -18.91
CA GLU C 254 16.09 -20.52 -19.23
C GLU C 254 16.89 -21.45 -18.32
N ILE C 255 18.12 -21.05 -17.96
CA ILE C 255 18.91 -21.80 -16.99
C ILE C 255 18.19 -21.81 -15.64
N GLY C 256 17.64 -20.66 -15.26
CA GLY C 256 16.84 -20.55 -14.05
C GLY C 256 15.59 -21.40 -14.10
N ALA C 257 14.94 -21.45 -15.25
CA ALA C 257 13.76 -22.28 -15.42
C ALA C 257 14.08 -23.74 -15.19
N SER C 258 15.25 -24.18 -15.65
CA SER C 258 15.68 -25.57 -15.44
C SER C 258 15.97 -25.83 -13.97
N LEU C 259 16.71 -24.90 -13.37
CA LEU C 259 17.03 -24.96 -11.95
C LEU C 259 15.78 -25.15 -11.08
N ILE C 260 14.72 -24.40 -11.40
CA ILE C 260 13.48 -24.46 -10.65
C ILE C 260 12.72 -25.75 -10.94
N LYS C 261 12.70 -26.13 -12.20
CA LYS C 261 11.98 -27.32 -12.65
C LYS C 261 12.48 -28.59 -11.96
N HIS C 262 13.77 -28.65 -11.69
CA HIS C 262 14.37 -29.84 -11.10
C HIS C 262 14.78 -29.65 -9.65
N TRP C 263 14.22 -28.62 -9.02
CA TRP C 263 14.53 -28.28 -7.62
C TRP C 263 14.16 -29.42 -6.67
N HIS D 1 -25.76 -42.02 2.50
CA HIS D 1 -26.31 -43.08 1.66
C HIS D 1 -25.65 -43.04 0.28
N PRO D 2 -25.38 -44.22 -0.30
CA PRO D 2 -24.74 -44.32 -1.63
C PRO D 2 -25.44 -43.51 -2.71
N GLU D 3 -26.76 -43.40 -2.66
CA GLU D 3 -27.49 -42.62 -3.65
C GLU D 3 -27.14 -41.13 -3.59
N THR D 4 -26.72 -40.67 -2.42
CA THR D 4 -26.32 -39.28 -2.26
C THR D 4 -24.97 -39.03 -2.93
N LEU D 5 -24.07 -39.99 -2.79
CA LEU D 5 -22.80 -39.95 -3.50
C LEU D 5 -23.01 -39.92 -5.01
N VAL D 6 -23.97 -40.73 -5.49
CA VAL D 6 -24.31 -40.74 -6.90
C VAL D 6 -24.71 -39.33 -7.35
N LYS D 7 -25.54 -38.65 -6.56
CA LYS D 7 -25.95 -37.27 -6.85
C LYS D 7 -24.78 -36.30 -6.86
N VAL D 8 -23.83 -36.53 -5.97
CA VAL D 8 -22.62 -35.69 -5.93
C VAL D 8 -21.80 -35.91 -7.19
N LYS D 9 -21.60 -37.17 -7.56
CA LYS D 9 -20.84 -37.48 -8.76
C LYS D 9 -21.55 -36.98 -10.01
N ASP D 10 -22.87 -37.11 -10.06
CA ASP D 10 -23.64 -36.56 -11.16
C ASP D 10 -23.51 -35.03 -11.22
N ALA D 11 -23.47 -34.40 -10.05
CA ALA D 11 -23.27 -32.96 -9.97
C ALA D 11 -21.93 -32.55 -10.57
N GLU D 12 -20.89 -33.35 -10.31
CA GLU D 12 -19.57 -33.10 -10.89
C GLU D 12 -19.61 -33.15 -12.41
N ASP D 13 -20.36 -34.12 -12.93
CA ASP D 13 -20.46 -34.32 -14.36
C ASP D 13 -21.21 -33.15 -15.00
N GLN D 14 -22.34 -32.79 -14.40
CA GLN D 14 -23.20 -31.77 -14.96
C GLN D 14 -22.67 -30.34 -14.79
N LEU D 15 -21.82 -30.14 -13.78
CA LEU D 15 -21.20 -28.83 -13.56
C LEU D 15 -19.83 -28.74 -14.22
N GLY D 16 -19.29 -29.89 -14.63
CA GLY D 16 -17.93 -29.94 -15.15
C GLY D 16 -16.94 -29.38 -14.13
N ALA D 17 -17.04 -29.82 -12.88
CA ALA D 17 -16.21 -29.26 -11.81
C ALA D 17 -16.18 -30.14 -10.59
N ARG D 18 -15.16 -29.95 -9.76
CA ARG D 18 -15.00 -30.70 -8.53
C ARG D 18 -16.10 -30.34 -7.54
N VAL D 19 -16.60 -31.34 -6.83
CA VAL D 19 -17.55 -31.15 -5.74
C VAL D 19 -17.05 -31.93 -4.54
N GLY D 20 -16.92 -31.25 -3.41
CA GLY D 20 -16.55 -31.92 -2.17
C GLY D 20 -17.75 -32.02 -1.24
N TYR D 21 -17.86 -33.13 -0.53
CA TYR D 21 -19.05 -33.39 0.26
C TYR D 21 -18.77 -34.19 1.52
N ILE D 22 -19.31 -33.73 2.65
CA ILE D 22 -19.20 -34.43 3.92
C ILE D 22 -20.55 -34.46 4.61
N GLU D 23 -20.87 -35.62 5.18
CA GLU D 23 -22.02 -35.81 6.06
C GLU D 23 -21.44 -36.30 7.36
N LEU D 24 -21.67 -35.56 8.43
CA LEU D 24 -21.05 -35.88 9.70
C LEU D 24 -22.12 -36.10 10.76
N ASP D 25 -21.98 -37.14 11.57
CA ASP D 25 -22.89 -37.29 12.68
C ASP D 25 -22.55 -36.30 13.78
N LEU D 26 -23.55 -35.52 14.20
CA LEU D 26 -23.33 -34.43 15.14
C LEU D 26 -23.00 -34.93 16.54
N ASN D 27 -23.65 -36.02 16.94
CA ASN D 27 -23.39 -36.64 18.24
C ASN D 27 -21.99 -37.26 18.31
N SER D 28 -21.75 -38.27 17.47
CA SER D 28 -20.52 -39.05 17.52
C SER D 28 -19.31 -38.37 16.89
N GLY D 29 -19.56 -37.47 15.94
CA GLY D 29 -18.47 -36.83 15.22
C GLY D 29 -17.89 -37.69 14.10
N LYS D 30 -18.52 -38.83 13.84
CA LYS D 30 -18.04 -39.75 12.80
C LYS D 30 -18.57 -39.37 11.42
N ILE D 31 -17.78 -39.65 10.39
CA ILE D 31 -18.19 -39.33 9.02
C ILE D 31 -19.14 -40.39 8.46
N LEU D 32 -20.32 -39.95 8.02
CA LEU D 32 -21.33 -40.85 7.49
C LEU D 32 -21.16 -41.07 6.00
N GLU D 33 -20.69 -40.03 5.31
CA GLU D 33 -20.43 -40.08 3.87
C GLU D 33 -19.36 -39.04 3.55
N SER D 34 -18.57 -39.30 2.52
CA SER D 34 -17.61 -38.29 2.09
C SER D 34 -17.30 -38.40 0.60
N PHE D 35 -16.90 -37.28 0.03
CA PHE D 35 -16.45 -37.22 -1.33
C PHE D 35 -15.45 -36.08 -1.42
N ARG D 36 -14.25 -36.39 -1.91
CA ARG D 36 -13.13 -35.45 -1.89
C ARG D 36 -12.93 -34.75 -0.55
N PRO D 37 -12.95 -35.51 0.57
CA PRO D 37 -12.89 -34.87 1.88
C PRO D 37 -11.58 -34.14 2.15
N GLU D 38 -10.50 -34.52 1.47
CA GLU D 38 -9.19 -33.97 1.78
C GLU D 38 -8.72 -32.99 0.70
N GLU D 39 -9.65 -32.59 -0.17
CA GLU D 39 -9.35 -31.61 -1.21
C GLU D 39 -9.74 -30.19 -0.78
N ARG D 40 -9.02 -29.20 -1.27
CA ARG D 40 -9.27 -27.80 -0.93
C ARG D 40 -10.28 -27.13 -1.84
N PHE D 41 -11.07 -26.25 -1.23
CA PHE D 41 -12.06 -25.45 -1.94
C PHE D 41 -12.08 -24.09 -1.28
N PRO D 42 -12.35 -23.03 -2.06
CA PRO D 42 -12.54 -21.70 -1.46
C PRO D 42 -13.68 -21.69 -0.45
N MET D 43 -13.46 -21.11 0.71
CA MET D 43 -14.51 -21.03 1.72
C MET D 43 -15.61 -20.05 1.35
N MET D 44 -15.23 -18.95 0.70
CA MET D 44 -16.16 -17.86 0.44
C MET D 44 -16.82 -17.45 1.76
N SER D 45 -18.08 -17.04 1.71
CA SER D 45 -18.73 -16.54 2.92
C SER D 45 -18.93 -17.57 4.04
N THR D 46 -18.64 -18.84 3.77
CA THR D 46 -18.78 -19.84 4.82
C THR D 46 -17.80 -19.55 5.96
N PHE D 47 -16.74 -18.77 5.67
CA PHE D 47 -15.77 -18.44 6.71
C PHE D 47 -16.37 -17.56 7.80
N LYS D 48 -17.45 -16.86 7.46
CA LYS D 48 -18.05 -15.94 8.41
C LYS D 48 -18.51 -16.61 9.71
N VAL D 49 -18.86 -17.89 9.65
CA VAL D 49 -19.23 -18.63 10.86
C VAL D 49 -18.00 -18.86 11.73
N LEU D 50 -16.88 -19.22 11.10
CA LEU D 50 -15.64 -19.44 11.85
C LEU D 50 -15.19 -18.12 12.48
N LEU D 51 -15.34 -17.03 11.73
CA LEU D 51 -14.98 -15.70 12.21
C LEU D 51 -15.78 -15.33 13.47
N CYS D 52 -17.08 -15.58 13.46
CA CYS D 52 -17.87 -15.30 14.66
C CYS D 52 -17.62 -16.32 15.76
N GLY D 53 -17.13 -17.50 15.40
CA GLY D 53 -16.66 -18.44 16.40
C GLY D 53 -15.47 -17.87 17.16
N ALA D 54 -14.53 -17.25 16.44
CA ALA D 54 -13.35 -16.64 17.05
C ALA D 54 -13.77 -15.48 17.92
N VAL D 55 -14.70 -14.68 17.42
CA VAL D 55 -15.22 -13.54 18.17
C VAL D 55 -15.85 -13.99 19.47
N LEU D 56 -16.67 -15.05 19.41
CA LEU D 56 -17.35 -15.53 20.61
C LEU D 56 -16.35 -16.13 21.60
N SER D 57 -15.25 -16.68 21.10
CA SER D 57 -14.22 -17.21 21.97
C SER D 57 -13.62 -16.08 22.80
N ARG D 58 -13.46 -14.92 22.16
CA ARG D 58 -12.94 -13.72 22.83
C ARG D 58 -13.97 -13.15 23.81
N VAL D 59 -15.25 -13.26 23.46
CA VAL D 59 -16.33 -12.83 24.35
C VAL D 59 -16.31 -13.67 25.61
N ASP D 60 -16.13 -14.98 25.46
CA ASP D 60 -16.07 -15.89 26.62
C ASP D 60 -14.92 -15.53 27.55
N ALA D 61 -13.79 -15.13 26.95
CA ALA D 61 -12.58 -14.82 27.70
C ALA D 61 -12.62 -13.40 28.25
N GLY D 62 -13.63 -12.65 27.87
CA GLY D 62 -13.79 -11.28 28.32
C GLY D 62 -12.93 -10.28 27.57
N GLN D 63 -12.34 -10.70 26.46
CA GLN D 63 -11.54 -9.79 25.64
C GLN D 63 -12.42 -9.07 24.63
N GLU D 64 -13.67 -9.49 24.56
CA GLU D 64 -14.66 -8.88 23.68
C GLU D 64 -15.98 -8.88 24.43
N GLN D 65 -16.86 -7.94 24.08
CA GLN D 65 -18.20 -7.90 24.65
C GLN D 65 -19.20 -7.77 23.52
N LEU D 66 -20.26 -8.56 23.53
CA LEU D 66 -21.21 -8.57 22.43
C LEU D 66 -21.91 -7.21 22.24
N GLY D 67 -22.02 -6.45 23.33
CA GLY D 67 -22.65 -5.15 23.26
C GLY D 67 -21.72 -3.98 22.98
N ARG D 68 -20.43 -4.23 22.78
CA ARG D 68 -19.52 -3.16 22.43
C ARG D 68 -19.91 -2.59 21.07
N ARG D 69 -20.00 -1.27 21.00
CA ARG D 69 -20.43 -0.61 19.78
C ARG D 69 -19.24 -0.21 18.91
N ILE D 70 -19.30 -0.58 17.65
CA ILE D 70 -18.28 -0.20 16.69
C ILE D 70 -18.81 0.86 15.73
N HIS D 71 -18.11 1.98 15.63
CA HIS D 71 -18.43 3.02 14.68
C HIS D 71 -17.44 2.96 13.51
N TYR D 72 -17.95 3.24 12.32
CA TYR D 72 -17.13 3.15 11.11
C TYR D 72 -17.61 4.20 10.13
N SER D 73 -16.93 4.32 9.00
CA SER D 73 -17.27 5.35 8.03
C SER D 73 -17.57 4.78 6.65
N GLN D 74 -18.11 5.62 5.77
CA GLN D 74 -18.40 5.21 4.40
C GLN D 74 -17.13 4.73 3.68
N ASN D 75 -15.97 5.14 4.16
CA ASN D 75 -14.70 4.70 3.59
C ASN D 75 -14.41 3.23 3.90
N ASP D 76 -15.14 2.66 4.86
CA ASP D 76 -14.97 1.27 5.25
C ASP D 76 -15.88 0.32 4.46
N LEU D 77 -16.91 0.87 3.81
CA LEU D 77 -17.91 0.03 3.15
C LEU D 77 -17.43 -0.58 1.84
N VAL D 78 -17.37 -1.91 1.79
CA VAL D 78 -17.00 -2.61 0.56
C VAL D 78 -18.24 -3.16 -0.13
N GLU D 79 -18.03 -3.82 -1.26
CA GLU D 79 -19.13 -4.38 -2.03
C GLU D 79 -19.96 -5.32 -1.18
N TYR D 80 -21.27 -5.27 -1.40
CA TYR D 80 -22.25 -6.05 -0.64
C TYR D 80 -22.19 -5.84 0.87
N SER D 81 -22.74 -4.71 1.31
CA SER D 81 -22.84 -4.35 2.72
C SER D 81 -24.26 -3.91 3.07
N PRO D 82 -25.25 -4.80 2.92
CA PRO D 82 -26.67 -4.41 3.01
C PRO D 82 -27.10 -3.93 4.39
N VAL D 83 -26.41 -4.37 5.44
CA VAL D 83 -26.77 -3.97 6.79
C VAL D 83 -25.89 -2.84 7.28
N THR D 84 -24.57 -2.99 7.13
CA THR D 84 -23.65 -1.98 7.65
C THR D 84 -23.79 -0.62 6.97
N GLU D 85 -24.25 -0.60 5.72
CA GLU D 85 -24.39 0.68 5.02
C GLU D 85 -25.49 1.53 5.64
N LYS D 86 -26.32 0.91 6.46
CA LYS D 86 -27.47 1.59 7.06
C LYS D 86 -27.21 2.08 8.49
N HIS D 87 -26.01 1.84 9.00
CA HIS D 87 -25.70 2.25 10.37
C HIS D 87 -24.46 3.11 10.46
N LEU D 88 -24.29 4.00 9.50
CA LEU D 88 -23.12 4.89 9.48
C LEU D 88 -23.11 5.89 10.65
N THR D 89 -24.28 6.31 11.10
CA THR D 89 -24.36 7.29 12.18
C THR D 89 -24.40 6.67 13.58
N ASP D 90 -25.09 5.53 13.73
CA ASP D 90 -25.19 4.92 15.04
C ASP D 90 -24.18 3.80 15.31
N GLY D 91 -23.52 3.33 14.25
CA GLY D 91 -22.60 2.21 14.39
C GLY D 91 -23.36 0.92 14.68
N MET D 92 -22.63 -0.16 14.96
CA MET D 92 -23.25 -1.44 15.25
C MET D 92 -22.54 -2.14 16.39
N THR D 93 -23.28 -2.88 17.21
CA THR D 93 -22.64 -3.66 18.24
C THR D 93 -21.99 -4.88 17.60
N VAL D 94 -21.07 -5.50 18.34
CA VAL D 94 -20.39 -6.70 17.88
C VAL D 94 -21.41 -7.78 17.53
N ARG D 95 -22.41 -7.93 18.39
CA ARG D 95 -23.50 -8.88 18.19
C ARG D 95 -24.23 -8.61 16.87
N GLU D 96 -24.54 -7.35 16.62
CA GLU D 96 -25.21 -6.96 15.38
C GLU D 96 -24.35 -7.24 14.15
N LEU D 97 -23.04 -7.06 14.29
CA LEU D 97 -22.13 -7.33 13.18
C LEU D 97 -22.10 -8.80 12.85
N CYS D 98 -22.09 -9.66 13.86
CA CYS D 98 -22.10 -11.09 13.60
C CYS D 98 -23.43 -11.55 13.00
N SER D 99 -24.51 -10.96 13.48
CA SER D 99 -25.81 -11.21 12.87
C SER D 99 -25.78 -10.81 11.40
N ALA D 100 -25.17 -9.66 11.09
CA ALA D 100 -25.11 -9.16 9.73
C ALA D 100 -24.24 -10.07 8.85
N ALA D 101 -23.09 -10.46 9.39
CA ALA D 101 -22.15 -11.31 8.66
C ALA D 101 -22.73 -12.68 8.34
N ILE D 102 -23.42 -13.28 9.31
CA ILE D 102 -23.94 -14.62 9.14
C ILE D 102 -25.32 -14.69 8.45
N THR D 103 -26.27 -13.87 8.90
CA THR D 103 -27.63 -13.97 8.37
C THR D 103 -27.77 -13.29 7.01
N MET D 104 -26.92 -12.31 6.73
CA MET D 104 -27.01 -11.55 5.47
C MET D 104 -25.76 -11.62 4.62
N SER D 105 -24.69 -12.21 5.18
CA SER D 105 -23.41 -12.30 4.49
C SER D 105 -22.79 -10.93 4.24
N ASP D 106 -23.09 -9.97 5.12
CA ASP D 106 -22.58 -8.61 4.99
C ASP D 106 -21.04 -8.59 4.98
N ASN D 107 -20.46 -8.08 3.91
CA ASN D 107 -19.00 -8.07 3.73
C ASN D 107 -18.26 -7.07 4.62
N THR D 108 -18.80 -5.87 4.77
CA THR D 108 -18.15 -4.89 5.64
C THR D 108 -18.23 -5.34 7.10
N ALA D 109 -19.34 -5.98 7.47
CA ALA D 109 -19.46 -6.53 8.82
C ALA D 109 -18.35 -7.52 9.08
N ALA D 110 -18.08 -8.39 8.09
CA ALA D 110 -17.02 -9.39 8.25
C ALA D 110 -15.67 -8.72 8.42
N ASN D 111 -15.38 -7.73 7.58
CA ASN D 111 -14.11 -7.00 7.70
C ASN D 111 -13.96 -6.28 9.04
N LEU D 112 -15.04 -5.66 9.51
CA LEU D 112 -15.01 -4.99 10.80
C LEU D 112 -14.70 -5.99 11.92
N LEU D 113 -15.34 -7.16 11.87
CA LEU D 113 -15.08 -8.22 12.84
C LEU D 113 -13.66 -8.77 12.74
N LEU D 114 -13.18 -8.93 11.52
CA LEU D 114 -11.81 -9.36 11.31
C LEU D 114 -10.84 -8.39 11.97
N THR D 115 -11.11 -7.09 11.84
CA THR D 115 -10.27 -6.10 12.51
C THR D 115 -10.23 -6.31 14.03
N THR D 116 -11.37 -6.63 14.62
CA THR D 116 -11.41 -6.81 16.08
C THR D 116 -10.53 -7.95 16.59
N ILE D 117 -10.36 -9.00 15.78
CA ILE D 117 -9.57 -10.16 16.23
C ILE D 117 -8.11 -10.14 15.76
N GLY D 118 -7.77 -9.16 14.92
CA GLY D 118 -6.39 -9.03 14.44
C GLY D 118 -6.19 -9.45 13.00
N GLY D 119 -7.28 -9.67 12.28
CA GLY D 119 -7.20 -9.96 10.86
C GLY D 119 -7.18 -11.44 10.51
N PRO D 120 -7.12 -11.75 9.21
CA PRO D 120 -7.12 -13.13 8.68
C PRO D 120 -6.12 -14.03 9.38
N LYS D 121 -4.92 -13.53 9.63
CA LYS D 121 -3.87 -14.33 10.27
C LYS D 121 -4.29 -14.82 11.65
N GLU D 122 -5.03 -13.99 12.36
CA GLU D 122 -5.46 -14.33 13.71
C GLU D 122 -6.66 -15.27 13.69
N LEU D 123 -7.49 -15.17 12.66
CA LEU D 123 -8.55 -16.15 12.48
C LEU D 123 -7.89 -17.51 12.20
N THR D 124 -6.85 -17.50 11.39
CA THR D 124 -6.15 -18.73 11.07
C THR D 124 -5.49 -19.31 12.33
N ALA D 125 -4.92 -18.44 13.16
CA ALA D 125 -4.31 -18.88 14.41
C ALA D 125 -5.35 -19.43 15.38
N PHE D 126 -6.53 -18.81 15.41
CA PHE D 126 -7.62 -19.35 16.23
C PHE D 126 -7.98 -20.77 15.79
N LEU D 127 -8.12 -20.97 14.48
CA LEU D 127 -8.46 -22.27 13.95
C LEU D 127 -7.36 -23.29 14.27
N HIS D 128 -6.12 -22.87 14.08
CA HIS D 128 -4.96 -23.70 14.39
C HIS D 128 -5.03 -24.19 15.84
N ASN D 129 -5.34 -23.30 16.77
CA ASN D 129 -5.31 -23.65 18.18
C ASN D 129 -6.48 -24.50 18.63
N MET D 130 -7.53 -24.60 17.82
CA MET D 130 -8.62 -25.49 18.16
C MET D 130 -8.50 -26.83 17.41
N GLY D 131 -7.39 -27.02 16.71
CA GLY D 131 -7.12 -28.31 16.12
C GLY D 131 -7.27 -28.42 14.62
N ASP D 132 -7.63 -27.32 13.99
CA ASP D 132 -7.75 -27.29 12.53
C ASP D 132 -6.47 -26.68 11.95
N HIS D 133 -5.57 -27.53 11.46
CA HIS D 133 -4.33 -27.07 10.89
C HIS D 133 -4.42 -27.04 9.36
N VAL D 134 -5.65 -27.11 8.84
CA VAL D 134 -5.87 -27.18 7.41
C VAL D 134 -6.49 -25.88 6.86
N THR D 135 -7.55 -25.42 7.51
CA THR D 135 -8.29 -24.24 7.06
C THR D 135 -7.44 -22.99 7.22
N ARG D 136 -7.53 -22.08 6.25
CA ARG D 136 -6.74 -20.85 6.29
C ARG D 136 -7.45 -19.68 5.65
N LEU D 137 -7.52 -18.56 6.37
CA LEU D 137 -7.99 -17.31 5.78
C LEU D 137 -6.79 -16.38 5.60
N ASP D 138 -6.69 -15.77 4.43
CA ASP D 138 -5.52 -15.00 4.06
C ASP D 138 -5.85 -13.58 3.69
N ARG D 139 -7.03 -13.36 3.12
CA ARG D 139 -7.40 -12.05 2.61
C ARG D 139 -8.71 -11.58 3.22
N TRP D 140 -9.11 -10.38 2.82
CA TRP D 140 -10.31 -9.75 3.37
C TRP D 140 -11.42 -9.80 2.31
N GLU D 141 -12.60 -9.32 2.66
CA GLU D 141 -13.67 -9.21 1.68
C GLU D 141 -13.42 -7.96 0.85
N PRO D 142 -13.64 -8.04 -0.48
CA PRO D 142 -14.16 -9.24 -1.15
C PRO D 142 -13.09 -10.08 -1.86
N GLU D 143 -11.82 -9.73 -1.73
CA GLU D 143 -10.73 -10.43 -2.42
C GLU D 143 -10.62 -11.92 -2.13
N LEU D 144 -11.09 -12.34 -0.97
CA LEU D 144 -10.99 -13.74 -0.59
C LEU D 144 -11.82 -14.68 -1.47
N ASN D 145 -12.66 -14.10 -2.34
CA ASN D 145 -13.52 -14.90 -3.21
C ASN D 145 -12.93 -15.17 -4.60
N GLU D 146 -11.65 -14.85 -4.79
CA GLU D 146 -11.03 -14.91 -6.12
C GLU D 146 -11.03 -16.30 -6.75
N ALA D 147 -10.84 -17.32 -5.91
CA ALA D 147 -10.94 -18.73 -6.34
C ALA D 147 -10.01 -19.09 -7.50
N ILE D 148 -8.81 -18.52 -7.50
CA ILE D 148 -7.81 -18.88 -8.50
C ILE D 148 -7.53 -20.38 -8.40
N PRO D 149 -7.60 -21.10 -9.53
CA PRO D 149 -7.34 -22.54 -9.48
C PRO D 149 -5.98 -22.85 -8.83
N ASN D 150 -5.95 -23.85 -7.96
CA ASN D 150 -4.73 -24.28 -7.27
C ASN D 150 -4.15 -23.29 -6.25
N ASP D 151 -4.84 -22.17 -6.05
CA ASP D 151 -4.45 -21.21 -5.03
C ASP D 151 -5.02 -21.69 -3.70
N GLU D 152 -4.17 -21.84 -2.69
CA GLU D 152 -4.63 -22.39 -1.42
C GLU D 152 -5.08 -21.33 -0.41
N ARG D 153 -4.94 -20.06 -0.76
CA ARG D 153 -5.42 -19.00 0.11
C ARG D 153 -6.93 -19.07 0.28
N ASP D 154 -7.40 -18.82 1.50
CA ASP D 154 -8.83 -18.70 1.77
C ASP D 154 -9.59 -19.99 1.46
N THR D 155 -8.94 -21.14 1.71
CA THR D 155 -9.54 -22.43 1.44
C THR D 155 -9.67 -23.27 2.71
N THR D 156 -10.54 -24.27 2.62
CA THR D 156 -10.68 -25.31 3.64
C THR D 156 -10.83 -26.62 2.88
N THR D 157 -10.96 -27.73 3.60
CA THR D 157 -11.35 -28.99 2.98
C THR D 157 -12.70 -29.36 3.57
N PRO D 158 -13.49 -30.18 2.87
CA PRO D 158 -14.78 -30.54 3.46
C PRO D 158 -14.65 -31.18 4.85
N ALA D 159 -13.66 -32.04 5.04
CA ALA D 159 -13.48 -32.72 6.32
C ALA D 159 -13.06 -31.75 7.43
N ALA D 160 -12.14 -30.85 7.13
CA ALA D 160 -11.68 -29.87 8.11
C ALA D 160 -12.86 -28.97 8.53
N MET D 161 -13.58 -28.47 7.53
CA MET D 161 -14.69 -27.56 7.79
C MET D 161 -15.81 -28.23 8.59
N ALA D 162 -16.12 -29.48 8.28
CA ALA D 162 -17.19 -30.19 8.97
C ALA D 162 -16.86 -30.44 10.43
N THR D 163 -15.64 -30.88 10.72
CA THR D 163 -15.27 -31.19 12.10
C THR D 163 -15.02 -29.90 12.91
N THR D 164 -14.52 -28.87 12.25
CA THR D 164 -14.36 -27.58 12.93
C THR D 164 -15.72 -26.99 13.31
N LEU D 165 -16.69 -27.04 12.40
CA LEU D 165 -18.03 -26.55 12.67
C LEU D 165 -18.65 -27.31 13.84
N ARG D 166 -18.48 -28.63 13.85
CA ARG D 166 -19.00 -29.46 14.93
C ARG D 166 -18.39 -29.05 16.27
N LYS D 167 -17.10 -28.72 16.26
CA LYS D 167 -16.43 -28.32 17.48
C LYS D 167 -16.93 -26.96 17.97
N LEU D 168 -17.19 -26.05 17.04
CA LEU D 168 -17.69 -24.73 17.39
C LEU D 168 -19.10 -24.84 17.95
N LEU D 169 -19.94 -25.66 17.30
CA LEU D 169 -21.34 -25.77 17.67
C LEU D 169 -21.57 -26.59 18.93
N THR D 170 -20.83 -27.67 19.10
CA THR D 170 -21.13 -28.61 20.19
C THR D 170 -19.92 -29.02 21.04
N GLY D 171 -18.73 -28.56 20.66
CA GLY D 171 -17.51 -28.95 21.34
C GLY D 171 -17.24 -28.19 22.62
N GLU D 172 -16.15 -28.52 23.29
CA GLU D 172 -15.83 -27.91 24.58
C GLU D 172 -15.31 -26.48 24.49
N LEU D 173 -15.07 -26.01 23.27
CA LEU D 173 -14.42 -24.73 23.03
C LEU D 173 -15.19 -23.54 23.60
N LEU D 174 -16.38 -23.32 23.08
CA LEU D 174 -17.21 -22.18 23.48
C LEU D 174 -18.11 -22.52 24.67
N THR D 175 -18.52 -21.50 25.41
CA THR D 175 -19.51 -21.66 26.48
C THR D 175 -20.84 -22.04 25.86
N LEU D 176 -21.74 -22.54 26.70
CA LEU D 176 -23.09 -22.91 26.25
C LEU D 176 -23.79 -21.73 25.59
N ALA D 177 -23.70 -20.56 26.20
CA ALA D 177 -24.33 -19.34 25.67
C ALA D 177 -23.80 -19.00 24.28
N SER D 178 -22.47 -19.07 24.13
CA SER D 178 -21.85 -18.77 22.84
C SER D 178 -22.20 -19.81 21.77
N ARG D 179 -22.23 -21.08 22.15
CA ARG D 179 -22.64 -22.15 21.23
C ARG D 179 -24.05 -21.90 20.74
N GLN D 180 -24.94 -21.53 21.66
CA GLN D 180 -26.33 -21.28 21.32
C GLN D 180 -26.47 -20.07 20.41
N GLN D 181 -25.69 -19.02 20.68
CA GLN D 181 -25.76 -17.81 19.88
C GLN D 181 -25.27 -18.06 18.45
N LEU D 182 -24.18 -18.80 18.34
CA LEU D 182 -23.63 -19.09 17.03
C LEU D 182 -24.64 -19.86 16.18
N ILE D 183 -25.26 -20.87 16.71
CA ILE D 183 -26.23 -21.61 16.01
C ILE D 183 -27.50 -20.80 15.73
N ASP D 184 -27.88 -19.92 16.64
CA ASP D 184 -29.06 -19.10 16.40
C ASP D 184 -28.86 -18.18 15.19
N TRP D 185 -27.67 -17.60 15.07
CA TRP D 185 -27.33 -16.78 13.91
C TRP D 185 -27.46 -17.58 12.63
N MET D 186 -26.91 -18.80 12.63
CA MET D 186 -26.99 -19.66 11.47
C MET D 186 -28.42 -20.09 11.15
N GLU D 187 -29.22 -20.34 12.19
CA GLU D 187 -30.62 -20.69 11.98
C GLU D 187 -31.37 -19.53 11.29
N ALA D 188 -30.92 -18.31 11.56
CA ALA D 188 -31.52 -17.10 11.03
C ALA D 188 -31.04 -16.71 9.63
N ASP D 189 -30.26 -17.58 8.99
CA ASP D 189 -29.71 -17.34 7.66
C ASP D 189 -30.80 -16.94 6.64
N LYS D 190 -30.61 -15.81 5.97
CA LYS D 190 -31.62 -15.35 5.02
C LYS D 190 -31.14 -15.37 3.59
N VAL D 191 -29.90 -15.80 3.37
CA VAL D 191 -29.33 -15.79 2.03
C VAL D 191 -28.91 -17.19 1.53
N ALA D 192 -29.58 -18.23 2.01
CA ALA D 192 -29.34 -19.59 1.53
C ALA D 192 -30.64 -20.28 1.10
N GLY D 193 -31.67 -19.49 0.81
CA GLY D 193 -32.97 -20.02 0.44
C GLY D 193 -33.04 -21.11 -0.61
N PRO D 194 -32.30 -20.95 -1.73
CA PRO D 194 -32.50 -21.97 -2.77
C PRO D 194 -31.63 -23.21 -2.61
N LEU D 195 -30.91 -23.32 -1.49
CA LEU D 195 -29.96 -24.41 -1.33
C LEU D 195 -30.57 -25.55 -0.51
N LEU D 196 -29.80 -25.91 0.49
CA LEU D 196 -30.38 -26.94 1.31
CA LEU D 196 -30.37 -27.05 1.39
C LEU D 196 -31.87 -26.84 1.92
N ARG D 197 -32.07 -25.54 2.26
CA ARG D 197 -33.40 -25.16 2.74
C ARG D 197 -34.54 -25.54 1.81
N SER D 198 -34.29 -25.53 0.50
CA SER D 198 -35.32 -25.84 -0.48
C SER D 198 -35.74 -27.31 -0.43
N ALA D 199 -34.87 -28.17 0.08
CA ALA D 199 -35.16 -29.60 0.13
C ALA D 199 -35.62 -30.03 1.51
N LEU D 200 -35.67 -29.09 2.45
CA LEU D 200 -35.96 -29.39 3.85
C LEU D 200 -37.45 -29.57 4.09
N PRO D 201 -37.84 -30.69 4.71
CA PRO D 201 -39.26 -30.88 5.03
C PRO D 201 -39.69 -30.01 6.21
N ALA D 202 -41.00 -29.79 6.34
CA ALA D 202 -41.55 -29.06 7.46
C ALA D 202 -41.19 -29.76 8.77
N GLY D 203 -40.95 -28.98 9.81
CA GLY D 203 -40.66 -29.52 11.13
C GLY D 203 -39.18 -29.75 11.36
N TRP D 204 -38.41 -29.73 10.29
CA TRP D 204 -36.96 -29.95 10.39
C TRP D 204 -36.23 -28.70 10.86
N PHE D 205 -35.15 -28.90 11.59
CA PHE D 205 -34.26 -27.83 11.98
C PHE D 205 -33.18 -27.66 10.93
N ILE D 206 -32.82 -26.42 10.64
CA ILE D 206 -31.61 -26.15 9.87
C ILE D 206 -30.94 -24.86 10.32
N ALA D 207 -29.62 -24.91 10.41
CA ALA D 207 -28.80 -23.75 10.69
C ALA D 207 -27.66 -23.84 9.71
N ASP D 208 -27.48 -22.82 8.90
CA ASP D 208 -26.52 -22.94 7.82
C ASP D 208 -25.83 -21.65 7.45
N LYS D 209 -24.88 -21.76 6.53
CA LYS D 209 -24.21 -20.60 5.95
C LYS D 209 -23.69 -21.00 4.59
N SER D 210 -24.09 -20.23 3.58
CA SER D 210 -23.68 -20.51 2.22
C SER D 210 -22.61 -19.54 1.78
N GLY D 211 -22.05 -19.80 0.61
CA GLY D 211 -21.10 -18.89 0.01
C GLY D 211 -21.12 -19.02 -1.51
N ALA D 212 -20.65 -17.98 -2.18
CA ALA D 212 -20.46 -18.01 -3.62
C ALA D 212 -19.24 -17.16 -3.93
N GLY D 213 -18.52 -17.48 -4.99
CA GLY D 213 -17.38 -16.67 -5.36
C GLY D 213 -17.09 -16.74 -6.84
N GLU D 214 -15.88 -16.33 -7.22
CA GLU D 214 -15.48 -16.34 -8.62
C GLU D 214 -15.36 -17.76 -9.14
N ARG D 215 -15.26 -17.89 -10.46
CA ARG D 215 -15.01 -19.17 -11.11
C ARG D 215 -15.93 -20.29 -10.65
N GLY D 216 -17.21 -19.98 -10.54
CA GLY D 216 -18.22 -20.97 -10.24
C GLY D 216 -18.21 -21.49 -8.82
N SER D 217 -17.50 -20.84 -7.92
CA SER D 217 -17.43 -21.32 -6.54
CA SER D 217 -17.45 -21.36 -6.56
C SER D 217 -18.79 -21.17 -5.83
N ARG D 218 -19.18 -22.21 -5.11
CA ARG D 218 -20.43 -22.24 -4.39
C ARG D 218 -20.24 -23.23 -3.25
N GLY D 219 -20.91 -23.00 -2.13
CA GLY D 219 -20.78 -23.91 -1.01
C GLY D 219 -21.78 -23.64 0.09
N ILE D 220 -21.85 -24.58 1.03
CA ILE D 220 -22.74 -24.45 2.17
C ILE D 220 -22.26 -25.34 3.30
N ILE D 221 -22.44 -24.88 4.52
CA ILE D 221 -22.21 -25.69 5.70
C ILE D 221 -23.49 -25.61 6.49
N ALA D 222 -23.85 -26.72 7.13
CA ALA D 222 -25.15 -26.77 7.79
C ALA D 222 -25.20 -27.82 8.90
N ALA D 223 -25.98 -27.52 9.93
CA ALA D 223 -26.39 -28.50 10.92
C ALA D 223 -27.91 -28.64 10.78
N LEU D 224 -28.38 -29.85 10.57
CA LEU D 224 -29.81 -30.05 10.34
C LEU D 224 -30.29 -31.36 10.91
N GLY D 225 -31.60 -31.48 11.07
CA GLY D 225 -32.18 -32.73 11.54
C GLY D 225 -33.67 -32.65 11.67
N PRO D 226 -34.33 -33.81 11.70
CA PRO D 226 -35.79 -33.83 11.83
C PRO D 226 -36.20 -33.40 13.24
N ASP D 227 -37.50 -33.20 13.44
CA ASP D 227 -38.05 -32.94 14.76
C ASP D 227 -37.46 -31.70 15.45
N GLY D 228 -37.17 -30.69 14.66
CA GLY D 228 -36.73 -29.40 15.19
C GLY D 228 -35.41 -29.45 15.93
N LYS D 229 -34.64 -30.51 15.71
CA LYS D 229 -33.33 -30.64 16.33
C LYS D 229 -32.27 -31.07 15.31
N PRO D 230 -31.10 -30.42 15.33
CA PRO D 230 -30.02 -30.82 14.43
C PRO D 230 -29.42 -32.16 14.86
N SER D 231 -29.02 -32.99 13.90
CA SER D 231 -28.40 -34.27 14.23
C SER D 231 -27.27 -34.64 13.25
N ARG D 232 -27.15 -33.90 12.15
CA ARG D 232 -26.03 -34.11 11.23
C ARG D 232 -25.45 -32.79 10.77
N ILE D 233 -24.17 -32.83 10.42
CA ILE D 233 -23.52 -31.69 9.81
C ILE D 233 -23.23 -32.05 8.35
N VAL D 234 -23.54 -31.11 7.45
CA VAL D 234 -23.33 -31.32 6.03
C VAL D 234 -22.53 -30.16 5.48
N VAL D 235 -21.52 -30.51 4.67
CA VAL D 235 -20.69 -29.53 4.00
C VAL D 235 -20.62 -29.89 2.53
N ALA D 236 -20.82 -28.91 1.66
CA ALA D 236 -20.67 -29.11 0.24
C ALA D 236 -20.01 -27.90 -0.39
N TYR D 237 -19.01 -28.15 -1.23
CA TYR D 237 -18.29 -27.09 -1.92
C TYR D 237 -18.09 -27.49 -3.38
N THR D 238 -18.13 -26.51 -4.27
CA THR D 238 -17.73 -26.76 -5.65
C THR D 238 -16.98 -25.55 -6.14
N THR D 239 -16.01 -25.77 -7.03
CA THR D 239 -15.35 -24.64 -7.68
C THR D 239 -14.91 -25.04 -9.08
N GLY D 240 -14.89 -24.06 -9.98
CA GLY D 240 -14.41 -24.30 -11.32
C GLY D 240 -15.47 -24.31 -12.41
N SER D 241 -16.73 -24.53 -12.03
CA SER D 241 -17.79 -24.64 -13.03
C SER D 241 -18.03 -23.31 -13.76
N GLN D 242 -18.45 -23.41 -15.02
CA GLN D 242 -18.89 -22.24 -15.76
C GLN D 242 -20.42 -22.13 -15.69
N ALA D 243 -21.04 -22.99 -14.90
CA ALA D 243 -22.50 -23.02 -14.77
C ALA D 243 -23.07 -21.73 -14.17
N THR D 244 -24.33 -21.45 -14.47
CA THR D 244 -25.02 -20.31 -13.86
C THR D 244 -25.25 -20.56 -12.37
N MET D 245 -25.51 -19.47 -11.64
CA MET D 245 -25.76 -19.55 -10.21
C MET D 245 -26.95 -20.45 -9.92
N ASP D 246 -27.99 -20.33 -10.75
CA ASP D 246 -29.18 -21.13 -10.59
C ASP D 246 -28.89 -22.63 -10.73
N GLU D 247 -28.02 -22.99 -11.67
CA GLU D 247 -27.69 -24.40 -11.84
C GLU D 247 -26.87 -24.91 -10.65
N ARG D 248 -25.93 -24.11 -10.18
CA ARG D 248 -25.17 -24.50 -9.01
C ARG D 248 -26.08 -24.64 -7.79
N ASN D 249 -27.02 -23.71 -7.63
CA ASN D 249 -28.00 -23.81 -6.54
C ASN D 249 -28.80 -25.11 -6.66
N ARG D 250 -29.27 -25.40 -7.86
CA ARG D 250 -30.09 -26.59 -8.10
C ARG D 250 -29.34 -27.87 -7.78
N GLN D 251 -28.04 -27.91 -8.09
CA GLN D 251 -27.26 -29.10 -7.80
C GLN D 251 -27.09 -29.33 -6.31
N ILE D 252 -26.84 -28.26 -5.56
CA ILE D 252 -26.74 -28.38 -4.10
C ILE D 252 -28.08 -28.81 -3.52
N ALA D 253 -29.16 -28.27 -4.04
CA ALA D 253 -30.49 -28.63 -3.56
C ALA D 253 -30.82 -30.09 -3.89
N GLU D 254 -30.37 -30.57 -5.04
CA GLU D 254 -30.59 -31.96 -5.44
C GLU D 254 -29.83 -32.93 -4.51
N ILE D 255 -28.61 -32.55 -4.14
CA ILE D 255 -27.84 -33.33 -3.18
C ILE D 255 -28.57 -33.36 -1.85
N GLY D 256 -29.05 -32.19 -1.42
CA GLY D 256 -29.85 -32.10 -0.21
C GLY D 256 -31.08 -32.98 -0.22
N ALA D 257 -31.81 -32.96 -1.32
CA ALA D 257 -33.00 -33.80 -1.48
C ALA D 257 -32.67 -35.27 -1.26
N SER D 258 -31.54 -35.71 -1.80
CA SER D 258 -31.12 -37.10 -1.66
C SER D 258 -30.77 -37.39 -0.21
N LEU D 259 -29.97 -36.51 0.38
CA LEU D 259 -29.61 -36.61 1.79
C LEU D 259 -30.84 -36.75 2.68
N ILE D 260 -31.84 -35.92 2.44
CA ILE D 260 -33.08 -35.95 3.21
C ILE D 260 -33.88 -37.21 2.91
N LYS D 261 -34.00 -37.55 1.63
CA LYS D 261 -34.76 -38.73 1.21
C LYS D 261 -34.20 -40.01 1.83
N HIS D 262 -32.87 -40.06 1.97
CA HIS D 262 -32.20 -41.25 2.47
C HIS D 262 -31.68 -41.10 3.90
N TRP D 263 -32.30 -40.18 4.64
CA TRP D 263 -31.92 -39.91 6.03
C TRP D 263 -32.10 -41.15 6.92
XE XE E . 9.54 21.48 14.36
XE XE F . 10.27 14.04 15.07
XE XE G . -0.52 33.60 12.50
XE XE H . -4.62 22.15 -18.03
XE XE I . -11.76 22.49 -16.03
XE XE J . 8.82 13.47 -17.44
XE XE K . 20.63 -18.72 -13.24
XE XE L . 24.12 -17.40 -19.60
XE XE M . 20.42 -16.26 2.43
XE XE N . -26.00 -30.22 0.53
XE XE O . -22.63 -28.81 -5.88
XE XE P . -26.13 -27.80 16.26
XE XE Q . -31.58 -30.53 3.18
XE XE R . -23.90 8.14 17.78
#